data_4N88
#
_entry.id   4N88
#
_cell.length_a   89.236
_cell.length_b   95.317
_cell.length_c   160.762
_cell.angle_alpha   90.00
_cell.angle_beta   90.00
_cell.angle_gamma   90.00
#
_symmetry.space_group_name_H-M   'P 21 21 21'
#
loop_
_entity.id
_entity.type
_entity.pdbx_description
1 polymer 'Uncharacterized protein'
2 polymer 'Uncharacterized protein'
3 non-polymer 'CALCIUM ION'
4 water water
#
loop_
_entity_poly.entity_id
_entity_poly.type
_entity_poly.pdbx_seq_one_letter_code
_entity_poly.pdbx_strand_id
1 'polypeptide(L)'
;TATSDLIESLISYSWDDWQVTRQEARRVIAAIRNDNVPDATIAALDKSGSLIKLFQRVGPPELARSLIASIAGRTTMQRY
QARNALIRSLINNPLGTQTDNWIYFPTITFFDICADLADAAGRLGFAAAGATGVASQAIQGPFSGVGATGVNPTDLPSIA
FGDQLKLLNKDPATVTKYSNPLGDLGAYLSQLSPQDKLNQAQTLVGQPISTLFPDAYPGNPPSRAKVMSAAARKYDLTPQ
LIGAIILAEQRDQTRDEDAKDYQAAVSIKSANTSIGLGQVVVSTAIKYELFTDLLGQPVRRGLSRKAVATLLASDEFNIF
ATARYIRYVANLASQQDLRKLPKTRGAFPSIDLRAYAGNPRNWPRDNVRALASEYTSRPWDDNLSPGWPMFVDDAYATFL
D
;
A,C
2 'polypeptide(L)'
;SHMMTLTHPNGLVVERPVGFDARRSAEGFRFDEGGKLRNPRQLEVQRQDAPPPPDLASRRLGDGEARYKVEEDDGGSAGS
EYRLWAAKPAGARWIVVSASEQSEDGEPTFALAWALLERARLQ
;
B,D
#
loop_
_chem_comp.id
_chem_comp.type
_chem_comp.name
_chem_comp.formula
CA non-polymer 'CALCIUM ION' 'Ca 2'
#
# COMPACT_ATOMS: atom_id res chain seq x y z
N THR A 1 44.55 23.02 10.94
CA THR A 1 44.55 23.59 9.58
C THR A 1 43.58 24.75 9.44
N ALA A 2 43.77 25.55 8.40
CA ALA A 2 42.89 26.68 8.13
C ALA A 2 41.44 26.21 8.14
N THR A 3 41.21 25.06 7.52
CA THR A 3 39.88 24.50 7.38
C THR A 3 39.30 24.04 8.72
N SER A 4 40.10 23.38 9.55
CA SER A 4 39.59 22.92 10.83
C SER A 4 39.14 24.11 11.67
N ASP A 5 39.80 25.25 11.52
CA ASP A 5 39.49 26.40 12.34
C ASP A 5 38.17 27.06 11.94
N LEU A 6 38.07 27.42 10.65
CA LEU A 6 36.80 27.88 10.12
C LEU A 6 35.64 27.00 10.60
N ILE A 7 35.75 25.71 10.35
CA ILE A 7 34.74 24.77 10.81
C ILE A 7 34.51 24.90 12.31
N GLU A 8 35.59 25.01 13.07
CA GLU A 8 35.44 25.09 14.52
C GLU A 8 34.57 26.27 14.98
N SER A 9 34.69 27.41 14.29
CA SER A 9 33.88 28.57 14.61
C SER A 9 32.42 28.35 14.18
N LEU A 10 32.25 27.70 13.03
CA LEU A 10 30.93 27.50 12.44
C LEU A 10 30.08 26.52 13.24
N ILE A 11 30.71 25.63 14.00
CA ILE A 11 29.92 24.63 14.69
C ILE A 11 29.93 24.82 16.21
N SER A 12 30.78 25.73 16.68
CA SER A 12 30.86 25.99 18.12
C SER A 12 29.60 26.70 18.62
N TYR A 13 29.23 26.38 19.84
CA TYR A 13 28.14 27.03 20.53
C TYR A 13 28.69 28.17 21.38
N SER A 14 28.03 29.33 21.32
CA SER A 14 28.33 30.41 22.26
C SER A 14 27.20 30.52 23.28
N TRP A 15 27.33 31.45 24.20
CA TRP A 15 26.19 31.80 25.05
C TRP A 15 24.98 32.18 24.19
N ASP A 16 23.82 31.66 24.58
CA ASP A 16 22.55 31.88 23.87
C ASP A 16 22.55 31.57 22.36
N ASP A 17 23.54 30.82 21.89
CA ASP A 17 23.53 30.28 20.54
C ASP A 17 23.91 28.81 20.59
N TRP A 18 22.90 27.94 20.54
CA TRP A 18 23.15 26.50 20.62
C TRP A 18 22.47 25.78 19.46
N GLN A 19 22.56 26.37 18.28
CA GLN A 19 22.06 25.66 17.11
C GLN A 19 22.96 25.92 15.91
N VAL A 20 23.08 24.94 15.03
CA VAL A 20 23.89 25.10 13.84
C VAL A 20 22.97 25.32 12.65
N THR A 21 22.96 26.55 12.14
CA THR A 21 21.99 26.91 11.10
C THR A 21 22.16 26.03 9.86
N ARG A 22 21.20 26.07 8.94
CA ARG A 22 21.33 25.33 7.70
C ARG A 22 22.37 25.99 6.81
N GLN A 23 22.49 27.31 6.93
CA GLN A 23 23.52 28.06 6.21
C GLN A 23 24.91 27.72 6.71
N GLU A 24 25.04 27.47 8.01
CA GLU A 24 26.33 27.15 8.62
C GLU A 24 26.79 25.77 8.15
N ALA A 25 25.87 24.82 8.13
CA ALA A 25 26.16 23.46 7.69
C ALA A 25 26.68 23.47 6.25
N ARG A 26 25.99 24.19 5.36
CA ARG A 26 26.42 24.25 3.98
C ARG A 26 27.84 24.81 3.86
N ARG A 27 28.16 25.85 4.63
CA ARG A 27 29.51 26.42 4.63
CA ARG A 27 29.51 26.41 4.62
C ARG A 27 30.55 25.43 5.15
N VAL A 28 30.10 24.49 5.99
CA VAL A 28 30.99 23.48 6.56
C VAL A 28 31.23 22.37 5.54
N ILE A 29 30.17 21.95 4.86
CA ILE A 29 30.27 20.93 3.81
C ILE A 29 31.03 21.51 2.63
N ALA A 30 30.81 22.78 2.34
CA ALA A 30 31.61 23.50 1.37
C ALA A 30 33.07 23.51 1.78
N ALA A 31 33.33 23.98 2.99
CA ALA A 31 34.70 24.18 3.44
C ALA A 31 35.50 22.88 3.40
N ILE A 32 34.81 21.78 3.68
CA ILE A 32 35.41 20.45 3.64
C ILE A 32 35.86 20.10 2.24
N ARG A 33 34.95 20.22 1.28
CA ARG A 33 35.24 19.88 -0.11
C ARG A 33 36.32 20.76 -0.77
N ASN A 34 36.51 21.98 -0.26
CA ASN A 34 37.47 22.94 -0.82
C ASN A 34 38.83 22.84 -0.12
N ASP A 35 38.99 21.79 0.66
CA ASP A 35 40.13 21.63 1.55
C ASP A 35 41.27 20.96 0.78
N ASN A 36 42.50 21.43 0.99
CA ASN A 36 43.65 20.81 0.34
C ASN A 36 44.39 19.86 1.25
N VAL A 37 44.20 20.03 2.57
CA VAL A 37 44.80 19.11 3.54
C VAL A 37 43.72 18.43 4.36
N PRO A 38 42.85 17.67 3.69
CA PRO A 38 41.65 17.17 4.36
C PRO A 38 42.00 16.18 5.46
N ASP A 39 43.09 15.44 5.30
CA ASP A 39 43.52 14.53 6.36
C ASP A 39 43.99 15.29 7.61
N ALA A 40 44.78 16.33 7.43
CA ALA A 40 45.25 17.13 8.56
C ALA A 40 44.11 17.83 9.31
N THR A 41 43.16 18.39 8.56
CA THR A 41 41.94 19.01 9.08
C THR A 41 41.21 18.09 10.05
N ILE A 42 40.90 16.90 9.58
CA ILE A 42 40.26 15.88 10.39
C ILE A 42 41.00 15.64 11.71
N ALA A 43 42.29 15.34 11.63
CA ALA A 43 43.07 15.13 12.84
C ALA A 43 43.08 16.37 13.74
N ALA A 44 43.12 17.56 13.15
CA ALA A 44 43.08 18.79 13.97
C ALA A 44 41.70 19.02 14.61
N LEU A 45 40.70 18.39 14.04
CA LEU A 45 39.34 18.44 14.58
C LEU A 45 39.17 17.45 15.73
N ASP A 46 39.80 16.29 15.61
CA ASP A 46 39.70 15.25 16.63
C ASP A 46 40.53 15.66 17.85
N LYS A 47 41.60 16.40 17.57
CA LYS A 47 42.47 16.93 18.62
C LYS A 47 41.74 17.95 19.52
N SER A 48 40.63 18.51 19.04
CA SER A 48 39.84 19.51 19.78
C SER A 48 38.57 18.93 20.41
N GLY A 49 38.23 17.70 20.05
CA GLY A 49 36.96 17.12 20.42
C GLY A 49 35.84 17.66 19.56
N SER A 50 36.21 18.36 18.49
CA SER A 50 35.24 18.98 17.58
C SER A 50 34.65 17.99 16.58
N LEU A 51 35.42 16.94 16.28
CA LEU A 51 35.06 15.94 15.29
C LEU A 51 33.80 15.15 15.64
N ILE A 52 33.58 14.84 16.91
CA ILE A 52 32.31 14.22 17.29
C ILE A 52 31.19 15.29 17.25
N LYS A 53 31.54 16.51 17.64
CA LYS A 53 30.61 17.62 17.63
C LYS A 53 30.09 17.85 16.21
N LEU A 54 31.01 17.92 15.27
CA LEU A 54 30.69 18.04 13.86
C LEU A 54 29.56 17.10 13.43
N PHE A 55 29.77 15.80 13.61
CA PHE A 55 28.76 14.82 13.19
C PHE A 55 27.47 14.93 13.98
N GLN A 56 27.56 15.39 15.23
CA GLN A 56 26.38 15.57 16.06
C GLN A 56 25.53 16.76 15.58
N ARG A 57 26.20 17.87 15.28
CA ARG A 57 25.54 19.15 14.95
C ARG A 57 24.89 19.31 13.57
N VAL A 58 25.41 18.61 12.55
CA VAL A 58 24.89 18.65 11.17
C VAL A 58 23.80 17.59 11.00
N GLY A 59 22.56 18.00 11.16
CA GLY A 59 21.48 17.06 11.48
C GLY A 59 20.54 16.60 10.38
N PRO A 60 20.07 17.53 9.52
CA PRO A 60 19.11 17.09 8.49
C PRO A 60 19.80 16.07 7.60
N PRO A 61 19.14 14.93 7.35
CA PRO A 61 19.70 13.77 6.64
C PRO A 61 20.37 14.15 5.31
N GLU A 62 19.78 15.09 4.59
CA GLU A 62 20.36 15.52 3.33
C GLU A 62 21.75 16.14 3.52
N LEU A 63 21.93 16.94 4.58
CA LEU A 63 23.22 17.57 4.84
C LEU A 63 24.21 16.62 5.50
N ALA A 64 23.70 15.70 6.32
CA ALA A 64 24.55 14.71 6.97
C ALA A 64 25.09 13.78 5.90
N ARG A 65 24.24 13.50 4.93
CA ARG A 65 24.61 12.68 3.79
C ARG A 65 25.76 13.32 2.98
N SER A 66 25.72 14.64 2.79
CA SER A 66 26.77 15.35 2.07
C SER A 66 28.07 15.46 2.86
N LEU A 67 27.95 15.66 4.17
CA LEU A 67 29.10 15.80 5.05
C LEU A 67 29.82 14.46 5.21
N ILE A 68 29.04 13.39 5.34
CA ILE A 68 29.61 12.07 5.56
C ILE A 68 30.22 11.56 4.28
N ALA A 69 29.48 11.66 3.19
CA ALA A 69 30.00 11.36 1.86
C ALA A 69 31.28 12.13 1.56
N SER A 70 31.32 13.43 1.86
CA SER A 70 32.55 14.22 1.63
C SER A 70 33.76 13.81 2.44
N ILE A 71 33.61 13.68 3.76
CA ILE A 71 34.72 13.24 4.59
C ILE A 71 35.13 11.79 4.30
N ALA A 72 34.17 10.93 4.01
CA ALA A 72 34.53 9.53 3.73
C ALA A 72 35.48 9.40 2.54
N GLY A 73 35.36 10.28 1.54
CA GLY A 73 36.17 10.12 0.35
C GLY A 73 37.26 11.14 0.08
N ARG A 74 37.57 11.98 1.06
CA ARG A 74 38.69 12.91 0.94
C ARG A 74 39.73 12.56 2.01
N THR A 75 39.50 11.51 2.77
CA THR A 75 40.44 11.13 3.83
C THR A 75 41.12 9.79 3.56
N THR A 76 42.32 9.64 4.10
CA THR A 76 43.13 8.45 3.87
C THR A 76 43.72 8.01 5.20
N MET A 77 44.77 8.72 5.62
CA MET A 77 45.36 8.58 6.95
C MET A 77 44.33 8.71 8.09
N GLN A 78 43.50 9.74 8.00
CA GLN A 78 42.63 10.09 9.11
C GLN A 78 41.24 9.50 8.94
N ARG A 79 41.07 8.66 7.93
CA ARG A 79 39.74 8.13 7.68
C ARG A 79 39.12 7.40 8.89
N TYR A 80 39.90 6.56 9.57
CA TYR A 80 39.40 5.78 10.71
C TYR A 80 38.92 6.66 11.88
N GLN A 81 39.57 7.82 12.02
CA GLN A 81 39.29 8.76 13.08
C GLN A 81 37.91 9.40 12.90
N ALA A 82 37.63 9.79 11.66
CA ALA A 82 36.33 10.31 11.28
C ALA A 82 35.27 9.23 11.48
N ARG A 83 35.56 7.99 11.09
CA ARG A 83 34.59 6.92 11.25
C ARG A 83 34.29 6.64 12.72
N ASN A 84 35.34 6.68 13.56
CA ASN A 84 35.20 6.58 15.00
C ASN A 84 34.24 7.63 15.51
N ALA A 85 34.48 8.87 15.12
CA ALA A 85 33.72 9.99 15.61
C ALA A 85 32.25 9.82 15.24
N LEU A 86 32.03 9.39 14.00
CA LEU A 86 30.68 9.18 13.51
C LEU A 86 29.88 8.19 14.39
N ILE A 87 30.43 7.00 14.60
CA ILE A 87 29.82 6.03 15.48
C ILE A 87 29.46 6.66 16.82
N ARG A 88 30.43 7.36 17.41
CA ARG A 88 30.21 7.98 18.70
C ARG A 88 28.98 8.90 18.67
N SER A 89 28.79 9.59 17.55
CA SER A 89 27.72 10.59 17.43
C SER A 89 26.33 9.96 17.20
N LEU A 90 26.32 8.70 16.75
CA LEU A 90 25.11 7.92 16.59
C LEU A 90 24.58 7.48 17.95
N ILE A 91 24.14 8.46 18.74
CA ILE A 91 23.63 8.18 20.07
C ILE A 91 22.14 8.07 19.96
N ASN A 92 21.62 6.90 20.32
CA ASN A 92 20.18 6.64 20.50
C ASN A 92 19.43 6.29 19.22
N ASN A 93 20.13 5.62 18.31
CA ASN A 93 19.57 5.27 17.00
C ASN A 93 19.07 6.50 16.25
N PRO A 94 19.93 7.53 16.12
CA PRO A 94 19.39 8.64 15.32
C PRO A 94 19.10 8.19 13.89
N LEU A 95 18.34 9.00 13.18
CA LEU A 95 18.03 8.75 11.79
C LEU A 95 19.34 8.69 11.00
N GLY A 96 20.13 9.74 11.14
CA GLY A 96 21.36 9.87 10.39
C GLY A 96 21.08 10.14 8.92
N THR A 97 21.53 9.22 8.09
CA THR A 97 21.46 9.42 6.65
C THR A 97 20.43 8.47 6.07
N GLN A 98 19.97 7.56 6.94
CA GLN A 98 19.08 6.48 6.59
C GLN A 98 17.60 6.87 6.33
N THR A 99 17.39 7.97 5.59
CA THR A 99 16.05 8.34 5.15
C THR A 99 15.94 8.31 3.64
N ASP A 100 14.72 8.46 3.11
CA ASP A 100 14.49 8.63 1.69
C ASP A 100 15.02 7.47 0.83
N ASN A 101 15.84 7.80 -0.16
CA ASN A 101 16.44 6.84 -1.07
C ASN A 101 17.41 5.91 -0.37
N TRP A 102 18.02 6.42 0.70
CA TRP A 102 19.10 5.73 1.38
C TRP A 102 18.57 4.95 2.59
N ILE A 103 17.26 4.79 2.60
CA ILE A 103 16.55 4.12 3.68
C ILE A 103 17.01 2.68 3.92
N TYR A 104 17.62 2.03 2.93
CA TYR A 104 18.09 0.66 3.12
C TYR A 104 19.58 0.64 3.44
N PHE A 105 20.12 1.79 3.82
CA PHE A 105 21.54 1.89 4.21
C PHE A 105 21.64 2.45 5.59
N PRO A 106 22.05 1.61 6.56
CA PRO A 106 22.36 2.18 7.89
C PRO A 106 23.49 3.19 7.77
N THR A 107 23.40 4.24 8.56
CA THR A 107 24.37 5.32 8.54
C THR A 107 25.86 4.89 8.49
N ILE A 108 26.24 3.81 9.17
CA ILE A 108 27.64 3.39 9.10
C ILE A 108 27.87 2.74 7.74
N THR A 109 26.81 2.19 7.18
CA THR A 109 26.87 1.55 5.88
C THR A 109 27.00 2.61 4.79
N PHE A 110 26.39 3.77 4.99
CA PHE A 110 26.54 4.86 4.05
C PHE A 110 27.97 5.38 4.06
N PHE A 111 28.49 5.66 5.24
CA PHE A 111 29.88 6.08 5.32
C PHE A 111 30.79 5.05 4.65
N ASP A 112 30.56 3.78 4.94
CA ASP A 112 31.45 2.71 4.49
C ASP A 112 31.37 2.45 2.99
N ILE A 113 30.26 2.85 2.37
CA ILE A 113 30.11 2.81 0.91
C ILE A 113 30.84 3.98 0.22
N CYS A 114 30.66 5.21 0.71
CA CYS A 114 31.40 6.35 0.16
C CYS A 114 32.92 6.17 0.26
N ALA A 115 33.37 5.51 1.32
CA ALA A 115 34.79 5.26 1.52
C ALA A 115 35.34 4.35 0.42
N ASP A 116 34.70 3.21 0.22
CA ASP A 116 35.14 2.22 -0.76
C ASP A 116 35.03 2.77 -2.19
N LEU A 117 33.94 3.50 -2.45
CA LEU A 117 33.63 4.08 -3.75
C LEU A 117 34.64 5.13 -4.15
N ALA A 118 34.91 6.07 -3.24
CA ALA A 118 35.92 7.09 -3.49
C ALA A 118 37.28 6.47 -3.83
N ASP A 119 37.67 5.45 -3.06
CA ASP A 119 38.90 4.70 -3.29
C ASP A 119 38.88 3.92 -4.59
N ALA A 120 37.71 3.44 -4.99
CA ALA A 120 37.59 2.63 -6.17
C ALA A 120 37.76 3.51 -7.39
N ALA A 121 37.18 4.70 -7.34
CA ALA A 121 37.27 5.64 -8.46
C ALA A 121 38.68 6.18 -8.72
N GLY A 122 39.50 6.30 -7.67
CA GLY A 122 40.86 6.77 -7.84
C GLY A 122 41.76 5.67 -8.40
N ARG A 123 41.66 4.52 -7.76
CA ARG A 123 42.39 3.33 -8.14
C ARG A 123 42.02 2.91 -9.56
N LEU A 124 40.73 2.94 -9.90
CA LEU A 124 40.30 2.45 -11.22
C LEU A 124 40.17 3.53 -12.30
N GLY A 125 40.27 4.79 -11.90
CA GLY A 125 40.26 5.88 -12.85
C GLY A 125 38.89 6.40 -13.32
N PHE A 126 38.01 6.73 -12.38
CA PHE A 126 36.75 7.39 -12.75
C PHE A 126 36.31 8.43 -11.73
N ALA A 127 37.30 9.09 -11.14
CA ALA A 127 37.05 10.12 -10.14
C ALA A 127 36.81 11.50 -10.73
N ALA A 128 37.29 11.74 -11.94
CA ALA A 128 37.29 13.08 -12.54
C ALA A 128 35.93 13.54 -13.06
N ALA A 129 35.62 14.81 -12.80
CA ALA A 129 34.33 15.42 -13.13
C ALA A 129 34.00 15.28 -14.61
N GLY A 130 32.81 14.76 -14.89
CA GLY A 130 32.35 14.60 -16.26
C GLY A 130 31.71 15.86 -16.78
N ALA A 131 31.80 16.08 -18.09
CA ALA A 131 31.07 17.19 -18.70
C ALA A 131 29.58 16.99 -18.42
N THR A 132 28.88 18.10 -18.21
CA THR A 132 27.45 18.06 -17.95
C THR A 132 26.63 17.76 -19.21
N GLY A 133 27.13 16.85 -20.05
CA GLY A 133 26.43 16.37 -21.24
C GLY A 133 24.95 16.26 -20.95
N VAL A 134 24.09 16.59 -21.92
CA VAL A 134 22.67 16.78 -21.63
C VAL A 134 21.77 15.56 -21.89
N ALA A 135 20.72 15.44 -21.08
CA ALA A 135 19.85 14.28 -21.13
C ALA A 135 18.53 14.53 -21.88
N SER A 136 17.88 13.45 -22.26
CA SER A 136 16.59 13.51 -22.92
C SER A 136 15.48 13.99 -21.97
N GLN A 137 14.43 14.57 -22.55
CA GLN A 137 13.30 15.07 -21.77
C GLN A 137 12.14 14.10 -21.80
N ALA A 138 12.27 13.04 -22.61
CA ALA A 138 11.24 12.01 -22.76
C ALA A 138 10.74 11.43 -21.43
N ILE A 139 9.45 11.11 -21.36
CA ILE A 139 8.90 10.50 -20.16
C ILE A 139 8.15 9.24 -20.47
N GLN A 140 8.13 8.82 -21.71
CA GLN A 140 7.60 7.50 -22.01
C GLN A 140 8.08 6.96 -23.33
N GLY A 141 7.76 5.71 -23.59
CA GLY A 141 8.16 5.07 -24.82
C GLY A 141 9.61 4.62 -24.83
N PRO A 142 10.03 3.92 -25.89
CA PRO A 142 11.38 3.37 -25.96
C PRO A 142 12.43 4.43 -25.70
N PHE A 143 13.47 4.06 -24.98
CA PHE A 143 14.57 4.97 -24.63
C PHE A 143 14.10 6.18 -23.79
N SER A 144 13.33 5.92 -22.74
CA SER A 144 12.98 6.97 -21.78
C SER A 144 13.36 6.63 -20.33
N GLY A 145 14.09 5.53 -20.15
CA GLY A 145 14.65 5.15 -18.85
C GLY A 145 15.77 6.08 -18.40
N VAL A 146 16.43 5.71 -17.30
CA VAL A 146 17.50 6.55 -16.70
C VAL A 146 18.68 6.74 -17.66
N GLY A 147 18.96 5.72 -18.46
CA GLY A 147 20.01 5.82 -19.45
C GLY A 147 19.81 7.03 -20.37
N ALA A 148 18.57 7.24 -20.81
CA ALA A 148 18.25 8.36 -21.68
C ALA A 148 18.04 9.64 -20.87
N THR A 149 17.75 9.46 -19.60
CA THR A 149 17.07 10.52 -18.88
C THR A 149 17.87 11.18 -17.75
N GLY A 150 18.84 10.45 -17.19
CA GLY A 150 19.54 10.94 -16.01
C GLY A 150 18.73 10.90 -14.71
N VAL A 151 17.43 10.57 -14.81
CA VAL A 151 16.55 10.53 -13.65
C VAL A 151 16.58 9.17 -12.94
N ASN A 152 17.12 9.15 -11.74
CA ASN A 152 17.32 7.89 -11.02
C ASN A 152 15.99 7.19 -10.77
N PRO A 153 15.95 5.86 -10.92
CA PRO A 153 14.69 5.16 -10.64
C PRO A 153 14.17 5.38 -9.20
N THR A 154 15.06 5.57 -8.24
CA THR A 154 14.69 5.77 -6.85
C THR A 154 14.14 7.19 -6.57
N ASP A 155 14.05 8.04 -7.59
CA ASP A 155 13.53 9.38 -7.42
C ASP A 155 12.16 9.42 -8.08
N LEU A 156 11.80 8.30 -8.70
CA LEU A 156 10.54 8.22 -9.41
C LEU A 156 9.40 8.12 -8.41
N PRO A 157 8.30 8.85 -8.68
CA PRO A 157 7.11 8.80 -7.84
C PRO A 157 6.63 7.38 -7.69
N SER A 158 5.89 7.11 -6.62
CA SER A 158 5.30 5.81 -6.39
C SER A 158 4.28 5.56 -7.48
N ILE A 159 4.19 4.31 -7.91
CA ILE A 159 3.26 3.97 -8.98
C ILE A 159 1.83 4.21 -8.50
N ALA A 160 1.05 4.96 -9.29
CA ALA A 160 -0.33 5.30 -8.94
C ALA A 160 -1.05 4.08 -8.36
N PHE A 161 -1.88 4.31 -7.35
CA PHE A 161 -2.41 3.21 -6.56
C PHE A 161 -3.34 2.25 -7.35
N GLY A 162 -4.19 2.82 -8.19
CA GLY A 162 -5.04 2.01 -9.04
C GLY A 162 -4.18 1.05 -9.84
N ASP A 163 -3.06 1.58 -10.32
CA ASP A 163 -2.12 0.85 -11.16
C ASP A 163 -1.40 -0.26 -10.40
N GLN A 164 -0.95 0.03 -9.18
CA GLN A 164 -0.29 -0.97 -8.36
C GLN A 164 -1.12 -2.23 -8.26
N LEU A 165 -2.42 -2.02 -8.18
CA LEU A 165 -3.38 -3.10 -7.96
C LEU A 165 -3.55 -3.93 -9.20
N LYS A 166 -3.74 -3.25 -10.33
CA LYS A 166 -3.80 -3.92 -11.61
C LYS A 166 -2.53 -4.76 -11.85
N LEU A 167 -1.35 -4.23 -11.53
CA LEU A 167 -0.09 -4.99 -11.69
C LEU A 167 -0.10 -6.24 -10.85
N LEU A 168 -0.56 -6.10 -9.60
CA LEU A 168 -0.69 -7.24 -8.69
C LEU A 168 -1.72 -8.25 -9.20
N ASN A 169 -2.67 -7.78 -10.02
CA ASN A 169 -3.68 -8.64 -10.60
C ASN A 169 -3.26 -9.17 -11.98
N LYS A 170 -2.02 -8.87 -12.37
CA LYS A 170 -1.47 -9.29 -13.65
C LYS A 170 -2.35 -8.92 -14.86
N ASP A 171 -2.93 -7.72 -14.80
CA ASP A 171 -3.69 -7.11 -15.90
C ASP A 171 -2.81 -6.86 -17.12
N PRO A 172 -3.08 -7.55 -18.24
CA PRO A 172 -2.30 -7.42 -19.49
C PRO A 172 -2.04 -5.98 -19.94
N ALA A 173 -3.09 -5.18 -20.10
CA ALA A 173 -2.90 -3.80 -20.55
C ALA A 173 -2.00 -2.97 -19.63
N THR A 174 -1.94 -3.36 -18.34
CA THR A 174 -1.15 -2.61 -17.35
C THR A 174 0.29 -3.14 -17.24
N VAL A 175 0.47 -4.45 -17.35
CA VAL A 175 1.82 -5.00 -17.39
C VAL A 175 2.50 -4.49 -18.67
N THR A 176 1.74 -4.47 -19.76
CA THR A 176 2.24 -3.91 -21.00
C THR A 176 2.83 -2.53 -20.72
N LYS A 177 2.16 -1.77 -19.87
CA LYS A 177 2.51 -0.38 -19.69
C LYS A 177 3.83 -0.19 -18.93
N TYR A 178 4.17 -1.15 -18.09
CA TYR A 178 5.31 -1.00 -17.17
C TYR A 178 6.42 -2.01 -17.48
N SER A 179 6.29 -2.72 -18.60
CA SER A 179 7.36 -3.62 -19.02
C SER A 179 8.21 -3.08 -20.16
N ASN A 180 9.00 -3.96 -20.75
CA ASN A 180 9.68 -3.65 -21.99
C ASN A 180 8.72 -3.07 -23.05
N PRO A 181 9.05 -1.88 -23.57
CA PRO A 181 8.25 -1.16 -24.57
C PRO A 181 8.35 -1.67 -26.02
N LEU A 182 9.29 -2.55 -26.32
CA LEU A 182 9.51 -2.98 -27.70
C LEU A 182 9.01 -4.39 -28.00
N GLY A 183 8.38 -4.53 -29.15
CA GLY A 183 8.01 -5.84 -29.66
C GLY A 183 8.97 -6.19 -30.77
N ASP A 184 8.61 -5.85 -32.00
CA ASP A 184 9.51 -6.06 -33.14
C ASP A 184 10.73 -5.12 -33.08
N LEU A 185 11.88 -5.72 -32.78
CA LEU A 185 13.14 -5.01 -32.57
C LEU A 185 13.71 -4.47 -33.87
N GLY A 186 13.54 -5.25 -34.93
CA GLY A 186 13.99 -4.84 -36.25
C GLY A 186 13.26 -3.60 -36.70
N ALA A 187 11.94 -3.65 -36.64
CA ALA A 187 11.12 -2.47 -36.89
C ALA A 187 11.66 -1.26 -36.12
N TYR A 188 11.88 -1.40 -34.83
CA TYR A 188 12.38 -0.25 -34.09
C TYR A 188 13.61 0.33 -34.78
N LEU A 189 14.59 -0.51 -35.08
CA LEU A 189 15.83 -0.05 -35.69
C LEU A 189 15.68 0.59 -37.10
N SER A 190 14.81 0.01 -37.92
CA SER A 190 14.42 0.63 -39.19
C SER A 190 13.94 2.08 -39.06
N GLN A 191 13.03 2.35 -38.12
CA GLN A 191 12.49 3.69 -37.91
C GLN A 191 13.47 4.67 -37.28
N LEU A 192 14.72 4.25 -37.10
CA LEU A 192 15.74 5.19 -36.64
C LEU A 192 16.72 5.45 -37.77
N SER A 193 17.06 6.72 -37.97
CA SER A 193 18.13 7.06 -38.91
C SER A 193 19.47 6.71 -38.27
N PRO A 194 20.51 6.49 -39.09
CA PRO A 194 21.80 6.15 -38.47
C PRO A 194 22.28 7.32 -37.61
N GLN A 195 21.64 8.48 -37.79
CA GLN A 195 21.99 9.69 -37.07
C GLN A 195 21.24 9.75 -35.74
N ASP A 196 20.02 9.21 -35.72
CA ASP A 196 19.26 9.07 -34.48
C ASP A 196 19.97 8.10 -33.54
N LYS A 197 20.44 7.00 -34.12
CA LYS A 197 21.20 5.98 -33.41
C LYS A 197 22.42 6.59 -32.77
N LEU A 198 23.14 7.38 -33.54
CA LEU A 198 24.34 8.01 -33.03
C LEU A 198 24.05 8.94 -31.84
N ASN A 199 22.89 9.63 -31.87
CA ASN A 199 22.50 10.56 -30.80
C ASN A 199 22.07 9.89 -29.51
N GLN A 200 21.41 8.75 -29.64
CA GLN A 200 21.05 7.99 -28.46
C GLN A 200 22.32 7.54 -27.77
N ALA A 201 23.26 7.04 -28.57
CA ALA A 201 24.56 6.58 -28.07
C ALA A 201 25.28 7.68 -27.33
N GLN A 202 25.28 8.88 -27.90
CA GLN A 202 25.96 10.02 -27.29
C GLN A 202 25.26 10.47 -25.99
N THR A 203 23.93 10.40 -25.98
CA THR A 203 23.15 10.81 -24.85
C THR A 203 23.34 9.84 -23.69
N LEU A 204 23.32 8.55 -23.99
CA LEU A 204 23.58 7.53 -23.00
C LEU A 204 24.89 7.82 -22.28
N VAL A 205 25.95 7.87 -23.05
CA VAL A 205 27.31 7.85 -22.56
C VAL A 205 27.82 9.21 -22.05
N GLY A 206 27.32 10.29 -22.66
CA GLY A 206 27.77 11.64 -22.37
C GLY A 206 27.43 12.25 -21.03
N GLN A 207 26.28 11.86 -20.48
CA GLN A 207 25.81 12.40 -19.18
C GLN A 207 26.62 12.02 -17.99
N PRO A 208 26.63 12.91 -16.98
CA PRO A 208 27.15 12.53 -15.67
C PRO A 208 26.35 11.33 -15.15
N ILE A 209 26.99 10.44 -14.41
CA ILE A 209 26.29 9.32 -13.83
C ILE A 209 25.24 9.83 -12.86
N SER A 210 24.16 9.07 -12.84
CA SER A 210 23.07 9.27 -11.92
C SER A 210 23.47 8.47 -10.70
N THR A 211 24.15 9.13 -9.78
CA THR A 211 24.67 8.43 -8.63
C THR A 211 23.97 8.78 -7.29
N LEU A 212 23.86 7.77 -6.43
CA LEU A 212 23.24 7.96 -5.12
C LEU A 212 24.23 8.54 -4.13
N PHE A 213 25.48 8.64 -4.55
CA PHE A 213 26.55 9.06 -3.65
C PHE A 213 27.39 10.17 -4.27
N PRO A 214 26.72 11.20 -4.79
CA PRO A 214 27.40 12.26 -5.55
C PRO A 214 28.60 12.88 -4.85
N ASP A 215 28.53 12.95 -3.53
CA ASP A 215 29.53 13.70 -2.79
C ASP A 215 30.75 12.87 -2.40
N ALA A 216 30.67 11.56 -2.64
CA ALA A 216 31.84 10.68 -2.50
C ALA A 216 32.94 11.00 -3.53
N TYR A 217 32.56 11.63 -4.65
CA TYR A 217 33.50 12.04 -5.68
C TYR A 217 34.11 13.40 -5.33
N PRO A 218 35.39 13.62 -5.66
CA PRO A 218 36.11 14.85 -5.34
C PRO A 218 35.40 16.13 -5.81
N GLY A 219 34.85 16.08 -7.01
CA GLY A 219 34.09 17.19 -7.56
C GLY A 219 32.78 16.62 -8.06
N ASN A 220 32.36 17.03 -9.25
CA ASN A 220 31.15 16.45 -9.82
C ASN A 220 31.30 15.00 -10.23
N PRO A 221 30.18 14.27 -10.34
CA PRO A 221 30.22 12.88 -10.80
C PRO A 221 30.83 12.71 -12.20
N PRO A 222 31.50 11.58 -12.42
CA PRO A 222 32.11 11.29 -13.71
C PRO A 222 31.06 11.11 -14.78
N SER A 223 31.49 11.09 -16.03
CA SER A 223 30.58 10.78 -17.12
C SER A 223 30.43 9.27 -17.16
N ARG A 224 29.31 8.81 -17.67
CA ARG A 224 29.12 7.38 -17.84
C ARG A 224 30.23 6.80 -18.68
N ALA A 225 30.67 7.55 -19.69
CA ALA A 225 31.80 7.15 -20.51
C ALA A 225 33.02 6.85 -19.65
N LYS A 226 33.35 7.81 -18.78
CA LYS A 226 34.53 7.65 -17.95
C LYS A 226 34.47 6.38 -17.11
N VAL A 227 33.29 6.11 -16.56
CA VAL A 227 33.07 4.94 -15.70
C VAL A 227 33.09 3.65 -16.51
N MET A 228 32.47 3.70 -17.69
CA MET A 228 32.49 2.57 -18.59
C MET A 228 33.90 2.17 -19.04
N SER A 229 34.77 3.18 -19.17
CA SER A 229 36.15 3.00 -19.62
C SER A 229 36.89 2.21 -18.58
N ALA A 230 36.78 2.73 -17.36
CA ALA A 230 37.40 2.13 -16.20
C ALA A 230 36.92 0.70 -16.00
N ALA A 231 35.66 0.46 -16.34
CA ALA A 231 35.07 -0.86 -16.14
C ALA A 231 35.52 -1.86 -17.20
N ALA A 232 35.69 -1.37 -18.43
CA ALA A 232 36.23 -2.19 -19.52
C ALA A 232 37.71 -2.56 -19.28
N ARG A 233 38.49 -1.60 -18.79
CA ARG A 233 39.86 -1.87 -18.42
C ARG A 233 39.88 -2.98 -17.38
N LYS A 234 39.12 -2.80 -16.30
CA LYS A 234 39.09 -3.75 -15.20
C LYS A 234 38.75 -5.21 -15.56
N TYR A 235 37.84 -5.43 -16.51
CA TYR A 235 37.43 -6.80 -16.83
C TYR A 235 37.82 -7.22 -18.23
N ASP A 236 38.72 -6.47 -18.84
CA ASP A 236 39.29 -6.87 -20.12
C ASP A 236 38.21 -6.88 -21.22
N LEU A 237 37.32 -5.90 -21.17
CA LEU A 237 36.39 -5.64 -22.28
C LEU A 237 36.81 -4.35 -23.00
N THR A 238 35.92 -3.79 -23.79
CA THR A 238 36.13 -2.45 -24.29
C THR A 238 34.88 -1.66 -23.98
N PRO A 239 35.00 -0.33 -23.79
CA PRO A 239 33.82 0.46 -23.44
C PRO A 239 32.74 0.43 -24.54
N GLN A 240 33.13 0.08 -25.76
CA GLN A 240 32.16 -0.08 -26.85
C GLN A 240 31.26 -1.28 -26.61
N LEU A 241 31.83 -2.39 -26.17
CA LEU A 241 31.02 -3.56 -25.90
C LEU A 241 30.05 -3.29 -24.75
N ILE A 242 30.54 -2.64 -23.70
CA ILE A 242 29.73 -2.33 -22.53
C ILE A 242 28.58 -1.44 -22.99
N GLY A 243 28.94 -0.31 -23.58
CA GLY A 243 27.97 0.59 -24.19
C GLY A 243 26.88 -0.03 -25.05
N ALA A 244 27.22 -1.01 -25.88
CA ALA A 244 26.25 -1.59 -26.79
C ALA A 244 25.21 -2.43 -26.09
N ILE A 245 25.64 -3.16 -25.07
CA ILE A 245 24.77 -3.96 -24.21
C ILE A 245 23.79 -3.03 -23.45
N ILE A 246 24.32 -1.94 -22.90
CA ILE A 246 23.49 -1.03 -22.16
C ILE A 246 22.53 -0.26 -23.05
N LEU A 247 23.01 0.24 -24.19
CA LEU A 247 22.14 0.96 -25.11
C LEU A 247 21.00 0.06 -25.56
N ALA A 248 21.28 -1.19 -25.93
CA ALA A 248 20.20 -2.11 -26.22
C ALA A 248 19.24 -2.29 -25.02
N GLU A 249 19.78 -2.42 -23.81
CA GLU A 249 18.91 -2.42 -22.66
C GLU A 249 18.07 -1.14 -22.56
N GLN A 250 18.73 0.01 -22.58
CA GLN A 250 18.02 1.29 -22.47
C GLN A 250 17.03 1.59 -23.60
N ARG A 251 17.18 0.95 -24.75
CA ARG A 251 16.17 1.14 -25.77
C ARG A 251 14.90 0.40 -25.40
N ASP A 252 15.04 -0.83 -24.93
CA ASP A 252 13.92 -1.57 -24.35
C ASP A 252 13.74 -1.23 -22.89
N GLN A 253 13.51 0.04 -22.58
CA GLN A 253 13.30 0.47 -21.22
C GLN A 253 12.54 1.81 -21.19
N THR A 254 11.54 1.95 -20.34
CA THR A 254 10.89 3.26 -20.25
C THR A 254 11.02 3.82 -18.86
N ARG A 255 10.57 5.05 -18.67
CA ARG A 255 10.43 5.59 -17.34
C ARG A 255 9.54 4.69 -16.47
N ASP A 256 8.41 4.27 -16.99
CA ASP A 256 7.47 3.47 -16.21
C ASP A 256 8.03 2.09 -15.89
N GLU A 257 8.94 1.60 -16.74
CA GLU A 257 9.58 0.35 -16.37
C GLU A 257 10.66 0.54 -15.31
N ASP A 258 11.26 1.72 -15.27
CA ASP A 258 12.25 2.05 -14.25
C ASP A 258 11.60 2.09 -12.85
N ALA A 259 10.41 2.69 -12.79
CA ALA A 259 9.59 2.71 -11.59
C ALA A 259 9.08 1.33 -11.17
N LYS A 260 8.54 0.54 -12.11
CA LYS A 260 8.17 -0.82 -11.76
C LYS A 260 9.38 -1.64 -11.32
N ASP A 261 10.51 -1.39 -11.97
CA ASP A 261 11.75 -2.15 -11.75
C ASP A 261 12.26 -2.09 -10.30
N TYR A 262 12.33 -0.88 -9.77
CA TYR A 262 12.88 -0.65 -8.44
C TYR A 262 11.85 -0.89 -7.34
N GLN A 263 10.69 -0.27 -7.47
CA GLN A 263 9.64 -0.34 -6.45
C GLN A 263 9.20 -1.77 -6.14
N ALA A 264 9.22 -2.66 -7.13
CA ALA A 264 8.91 -4.08 -6.90
C ALA A 264 10.06 -4.83 -6.26
N ALA A 265 11.26 -4.30 -6.35
CA ALA A 265 12.41 -4.95 -5.74
C ALA A 265 12.49 -4.70 -4.22
N VAL A 266 11.87 -3.61 -3.78
CA VAL A 266 11.99 -3.17 -2.41
C VAL A 266 10.64 -3.02 -1.74
N SER A 267 9.60 -3.49 -2.42
CA SER A 267 8.29 -3.65 -1.80
C SER A 267 8.31 -4.98 -1.07
N ILE A 268 7.19 -5.29 -0.40
CA ILE A 268 7.06 -6.49 0.42
C ILE A 268 7.43 -7.79 -0.32
N LYS A 269 7.16 -7.81 -1.62
CA LYS A 269 7.46 -8.95 -2.50
C LYS A 269 8.94 -9.29 -2.59
N SER A 270 9.80 -8.28 -2.33
CA SER A 270 11.22 -8.40 -2.63
C SER A 270 11.41 -9.09 -3.97
N ALA A 271 10.98 -8.41 -5.03
CA ALA A 271 10.96 -8.98 -6.39
C ALA A 271 12.34 -9.15 -7.01
N ASN A 272 12.41 -10.06 -7.98
CA ASN A 272 13.66 -10.33 -8.66
C ASN A 272 13.75 -9.68 -10.04
N THR A 273 13.54 -8.37 -10.08
CA THR A 273 13.54 -7.63 -11.34
C THR A 273 14.94 -7.23 -11.83
N SER A 274 15.02 -6.87 -13.12
CA SER A 274 16.25 -6.28 -13.67
C SER A 274 16.24 -4.75 -13.55
N ILE A 275 17.23 -4.21 -12.86
CA ILE A 275 17.21 -2.80 -12.46
C ILE A 275 18.42 -2.05 -13.03
N GLY A 276 18.21 -0.79 -13.39
CA GLY A 276 19.34 0.06 -13.80
C GLY A 276 19.84 -0.06 -15.23
N LEU A 277 20.87 0.72 -15.53
CA LEU A 277 21.39 0.87 -16.90
C LEU A 277 21.51 -0.47 -17.63
N GLY A 278 22.22 -1.40 -17.02
CA GLY A 278 22.53 -2.68 -17.65
C GLY A 278 21.51 -3.75 -17.40
N GLN A 279 20.41 -3.38 -16.73
CA GLN A 279 19.32 -4.29 -16.40
C GLN A 279 19.76 -5.56 -15.68
N VAL A 280 20.47 -5.38 -14.58
CA VAL A 280 20.97 -6.48 -13.79
C VAL A 280 19.87 -7.01 -12.84
N VAL A 281 19.72 -8.32 -12.79
CA VAL A 281 18.75 -8.96 -11.92
C VAL A 281 19.28 -8.98 -10.47
N VAL A 282 18.43 -8.57 -9.53
CA VAL A 282 18.81 -8.41 -8.13
C VAL A 282 19.52 -9.63 -7.53
N SER A 283 18.92 -10.80 -7.75
CA SER A 283 19.44 -12.08 -7.27
C SER A 283 20.74 -12.47 -7.91
N THR A 284 20.99 -11.94 -9.09
CA THR A 284 22.15 -12.31 -9.88
C THR A 284 23.30 -11.45 -9.42
N ALA A 285 22.99 -10.23 -9.01
CA ALA A 285 23.99 -9.32 -8.47
C ALA A 285 24.60 -9.92 -7.22
N ILE A 286 23.74 -10.59 -6.44
CA ILE A 286 24.17 -11.20 -5.19
C ILE A 286 24.95 -12.48 -5.42
N LYS A 287 24.35 -13.39 -6.18
CA LYS A 287 24.95 -14.68 -6.47
C LYS A 287 26.37 -14.57 -7.06
N TYR A 288 26.62 -13.54 -7.86
CA TYR A 288 27.91 -13.42 -8.58
C TYR A 288 28.75 -12.29 -8.03
N GLU A 289 28.26 -11.67 -6.96
CA GLU A 289 28.96 -10.61 -6.21
C GLU A 289 29.43 -9.49 -7.11
N LEU A 290 28.48 -8.91 -7.82
CA LEU A 290 28.79 -8.02 -8.93
C LEU A 290 29.33 -6.63 -8.53
N PHE A 291 29.42 -6.36 -7.22
CA PHE A 291 30.08 -5.13 -6.75
C PHE A 291 31.47 -5.40 -6.18
N THR A 292 32.02 -6.60 -6.39
CA THR A 292 33.30 -6.98 -5.79
C THR A 292 34.33 -5.87 -5.88
N ASP A 293 34.29 -5.13 -6.97
CA ASP A 293 35.39 -4.24 -7.31
C ASP A 293 35.28 -2.81 -6.79
N LEU A 294 34.09 -2.45 -6.28
CA LEU A 294 33.90 -1.15 -5.68
C LEU A 294 33.77 -1.20 -4.15
N LEU A 295 33.26 -2.31 -3.62
CA LEU A 295 33.09 -2.44 -2.19
C LEU A 295 33.84 -3.64 -1.66
N GLY A 296 34.36 -3.52 -0.44
CA GLY A 296 35.04 -4.62 0.21
C GLY A 296 34.12 -5.70 0.78
N GLN A 297 34.71 -6.84 1.14
CA GLN A 297 33.96 -7.95 1.73
C GLN A 297 33.13 -7.55 2.96
N PRO A 298 33.75 -6.83 3.91
CA PRO A 298 32.98 -6.30 5.05
C PRO A 298 31.62 -5.74 4.62
N VAL A 299 31.64 -4.58 3.97
CA VAL A 299 30.46 -3.86 3.53
C VAL A 299 29.43 -4.72 2.78
N ARG A 300 29.90 -5.53 1.84
CA ARG A 300 29.02 -6.34 0.99
C ARG A 300 28.16 -7.35 1.78
N ARG A 301 28.80 -8.07 2.71
CA ARG A 301 28.11 -9.04 3.56
C ARG A 301 26.89 -8.45 4.25
N GLY A 302 27.07 -7.26 4.82
CA GLY A 302 26.02 -6.58 5.54
C GLY A 302 24.82 -6.14 4.71
N LEU A 303 25.02 -6.02 3.40
CA LEU A 303 24.02 -5.39 2.51
C LEU A 303 22.72 -6.16 2.38
N SER A 304 21.62 -5.52 2.76
CA SER A 304 20.31 -6.16 2.62
C SER A 304 19.97 -6.28 1.15
N ARG A 305 19.16 -7.28 0.83
CA ARG A 305 18.71 -7.46 -0.53
C ARG A 305 18.25 -6.14 -1.13
N LYS A 306 17.54 -5.33 -0.36
CA LYS A 306 17.03 -4.09 -0.90
C LYS A 306 18.12 -3.05 -1.07
N ALA A 307 19.13 -3.09 -0.22
CA ALA A 307 20.29 -2.23 -0.40
C ALA A 307 20.92 -2.48 -1.78
N VAL A 308 21.00 -3.76 -2.13
CA VAL A 308 21.57 -4.20 -3.39
C VAL A 308 20.72 -3.76 -4.58
N ALA A 309 19.41 -3.90 -4.45
CA ALA A 309 18.51 -3.44 -5.48
C ALA A 309 18.60 -1.93 -5.58
N THR A 310 18.99 -1.28 -4.49
CA THR A 310 19.09 0.18 -4.49
C THR A 310 20.44 0.62 -5.07
N LEU A 311 21.48 -0.14 -4.78
CA LEU A 311 22.75 0.08 -5.45
C LEU A 311 22.65 -0.13 -6.96
N LEU A 312 21.80 -1.05 -7.37
CA LEU A 312 21.69 -1.38 -8.78
C LEU A 312 21.16 -0.18 -9.57
N ALA A 313 20.53 0.74 -8.86
CA ALA A 313 20.00 1.95 -9.48
C ALA A 313 21.00 3.11 -9.41
N SER A 314 22.22 2.81 -8.99
CA SER A 314 23.27 3.79 -8.98
C SER A 314 24.22 3.47 -10.15
N ASP A 315 24.27 4.37 -11.14
CA ASP A 315 24.86 4.06 -12.45
C ASP A 315 26.26 3.43 -12.40
N GLU A 316 27.14 3.97 -11.56
CA GLU A 316 28.48 3.40 -11.44
C GLU A 316 28.44 1.97 -10.92
N PHE A 317 27.63 1.68 -9.90
CA PHE A 317 27.53 0.31 -9.39
C PHE A 317 26.94 -0.59 -10.46
N ASN A 318 25.93 -0.09 -11.14
CA ASN A 318 25.32 -0.84 -12.23
C ASN A 318 26.29 -1.14 -13.38
N ILE A 319 27.03 -0.12 -13.83
CA ILE A 319 27.98 -0.27 -14.91
C ILE A 319 29.03 -1.33 -14.55
N PHE A 320 29.62 -1.21 -13.36
CA PHE A 320 30.56 -2.22 -12.86
C PHE A 320 29.96 -3.63 -12.73
N ALA A 321 28.75 -3.74 -12.19
CA ALA A 321 28.02 -5.01 -12.16
C ALA A 321 27.85 -5.54 -13.57
N THR A 322 27.34 -4.70 -14.48
CA THR A 322 27.13 -5.09 -15.88
C THR A 322 28.42 -5.61 -16.55
N ALA A 323 29.50 -4.86 -16.40
CA ALA A 323 30.76 -5.27 -17.00
C ALA A 323 31.16 -6.62 -16.42
N ARG A 324 31.14 -6.72 -15.09
CA ARG A 324 31.53 -7.97 -14.45
C ARG A 324 30.70 -9.15 -14.94
N TYR A 325 29.39 -8.99 -14.97
CA TYR A 325 28.55 -10.06 -15.46
C TYR A 325 28.86 -10.46 -16.89
N ILE A 326 29.31 -9.49 -17.70
CA ILE A 326 29.60 -9.75 -19.11
C ILE A 326 30.83 -10.62 -19.20
N ARG A 327 31.89 -10.21 -18.50
CA ARG A 327 33.13 -10.98 -18.44
C ARG A 327 32.82 -12.36 -17.88
N TYR A 328 31.91 -12.43 -16.92
CA TYR A 328 31.45 -13.74 -16.47
C TYR A 328 30.96 -14.53 -17.67
N VAL A 329 29.90 -14.06 -18.31
CA VAL A 329 29.30 -14.77 -19.46
C VAL A 329 30.32 -15.18 -20.52
N ALA A 330 31.26 -14.30 -20.84
CA ALA A 330 32.30 -14.59 -21.81
C ALA A 330 33.18 -15.72 -21.30
N ASN A 331 33.54 -15.64 -20.02
CA ASN A 331 34.38 -16.63 -19.38
C ASN A 331 33.72 -18.00 -19.47
N LEU A 332 32.47 -18.05 -19.02
CA LEU A 332 31.69 -19.27 -19.01
C LEU A 332 31.60 -19.89 -20.39
N ALA A 333 31.85 -19.07 -21.40
CA ALA A 333 31.75 -19.48 -22.79
C ALA A 333 33.06 -20.04 -23.29
N SER A 334 34.16 -19.54 -22.73
CA SER A 334 35.48 -20.03 -23.12
C SER A 334 35.69 -21.45 -22.56
N GLN A 335 34.83 -21.83 -21.61
CA GLN A 335 34.89 -23.15 -20.99
C GLN A 335 33.92 -24.14 -21.64
N GLN A 336 33.50 -23.90 -22.88
CA GLN A 336 32.36 -24.63 -23.44
C GLN A 336 32.67 -25.56 -24.59
N ASP A 337 31.77 -26.49 -24.83
CA ASP A 337 31.93 -27.44 -25.94
C ASP A 337 31.00 -27.09 -27.10
N LEU A 338 31.55 -26.42 -28.12
CA LEU A 338 30.73 -25.98 -29.24
C LEU A 338 29.92 -27.14 -29.84
N ARG A 339 30.48 -28.34 -29.73
CA ARG A 339 29.84 -29.53 -30.25
C ARG A 339 28.56 -29.84 -29.46
N LYS A 340 28.55 -29.52 -28.18
CA LYS A 340 27.33 -29.70 -27.39
C LYS A 340 26.40 -28.47 -27.41
N LEU A 341 26.69 -27.52 -28.31
CA LEU A 341 25.88 -26.30 -28.47
C LEU A 341 25.46 -26.06 -29.94
N PRO A 342 24.68 -27.01 -30.50
CA PRO A 342 24.39 -27.11 -31.94
C PRO A 342 23.55 -25.94 -32.48
N LYS A 343 22.55 -25.51 -31.71
CA LYS A 343 21.75 -24.35 -32.08
C LYS A 343 22.62 -23.11 -32.07
N THR A 344 23.42 -22.97 -31.03
CA THR A 344 24.31 -21.84 -30.88
C THR A 344 25.24 -21.67 -32.08
N ARG A 345 25.84 -22.76 -32.54
CA ARG A 345 26.75 -22.63 -33.66
C ARG A 345 25.97 -22.48 -34.96
N GLY A 346 24.78 -23.08 -35.03
CA GLY A 346 23.91 -22.90 -36.17
C GLY A 346 23.61 -21.43 -36.43
N ALA A 347 23.41 -20.69 -35.34
CA ALA A 347 23.03 -19.29 -35.40
C ALA A 347 24.20 -18.31 -35.53
N PHE A 348 25.39 -18.73 -35.10
CA PHE A 348 26.59 -17.88 -35.13
C PHE A 348 27.77 -18.77 -35.45
N PRO A 349 27.97 -19.06 -36.75
CA PRO A 349 28.90 -20.11 -37.19
C PRO A 349 30.36 -19.66 -37.08
N SER A 350 30.59 -18.35 -37.14
CA SER A 350 31.94 -17.80 -36.99
C SER A 350 32.29 -17.66 -35.52
N ILE A 351 31.43 -18.17 -34.66
CA ILE A 351 31.64 -18.00 -33.22
C ILE A 351 32.93 -18.67 -32.82
N ASP A 352 33.75 -17.94 -32.07
CA ASP A 352 35.07 -18.40 -31.65
C ASP A 352 35.14 -18.48 -30.13
N LEU A 353 34.72 -19.62 -29.57
CA LEU A 353 34.70 -19.84 -28.11
C LEU A 353 36.01 -19.54 -27.39
N ARG A 354 37.13 -19.92 -27.98
CA ARG A 354 38.40 -19.69 -27.33
C ARG A 354 38.62 -18.20 -27.09
N ALA A 355 38.46 -17.38 -28.13
CA ALA A 355 38.82 -15.96 -28.05
C ALA A 355 37.96 -15.13 -27.08
N TYR A 356 36.89 -15.72 -26.56
CA TYR A 356 36.06 -15.09 -25.53
C TYR A 356 36.83 -14.84 -24.24
N ALA A 357 38.00 -15.46 -24.12
CA ALA A 357 38.76 -15.41 -22.86
C ALA A 357 39.56 -14.12 -22.85
N GLY A 358 39.82 -13.61 -24.04
CA GLY A 358 40.56 -12.37 -24.21
C GLY A 358 39.66 -11.19 -24.51
N ASN A 359 40.29 -10.13 -25.04
CA ASN A 359 39.63 -8.88 -25.25
C ASN A 359 38.72 -8.92 -26.46
N PRO A 360 37.59 -8.20 -26.40
CA PRO A 360 36.59 -8.09 -27.46
C PRO A 360 37.16 -7.56 -28.76
N ARG A 361 38.25 -6.81 -28.71
CA ARG A 361 38.88 -6.30 -29.92
C ARG A 361 39.14 -7.46 -30.89
N ASN A 362 39.41 -8.62 -30.30
CA ASN A 362 39.76 -9.84 -31.01
C ASN A 362 38.63 -10.85 -31.14
N TRP A 363 37.41 -10.45 -30.87
CA TRP A 363 36.31 -11.37 -31.08
C TRP A 363 35.78 -11.24 -32.49
N PRO A 364 35.34 -12.34 -33.07
CA PRO A 364 34.52 -12.26 -34.27
C PRO A 364 33.21 -11.55 -33.89
N ARG A 365 32.69 -10.72 -34.79
CA ARG A 365 31.40 -10.13 -34.56
C ARG A 365 30.34 -11.14 -34.06
N ASP A 366 30.34 -12.36 -34.60
CA ASP A 366 29.39 -13.42 -34.21
C ASP A 366 29.44 -13.78 -32.72
N ASN A 367 30.47 -13.27 -32.05
CA ASN A 367 30.66 -13.49 -30.64
C ASN A 367 29.92 -12.44 -29.82
N VAL A 368 29.84 -11.22 -30.35
CA VAL A 368 29.08 -10.15 -29.72
C VAL A 368 27.61 -10.51 -29.86
N ARG A 369 27.23 -11.04 -31.02
CA ARG A 369 25.86 -11.45 -31.25
C ARG A 369 25.40 -12.57 -30.30
N ALA A 370 26.19 -13.63 -30.20
CA ALA A 370 25.83 -14.76 -29.35
C ALA A 370 25.88 -14.40 -27.86
N LEU A 371 26.79 -13.51 -27.50
CA LEU A 371 26.86 -13.08 -26.11
C LEU A 371 25.65 -12.20 -25.74
N ALA A 372 25.17 -11.40 -26.70
CA ALA A 372 23.93 -10.65 -26.52
C ALA A 372 22.79 -11.59 -26.18
N SER A 373 22.56 -12.60 -27.03
CA SER A 373 21.55 -13.61 -26.74
C SER A 373 21.66 -14.14 -25.32
N GLU A 374 22.89 -14.38 -24.89
CA GLU A 374 23.15 -15.11 -23.66
C GLU A 374 23.41 -14.15 -22.52
N TYR A 375 22.96 -12.91 -22.71
CA TYR A 375 22.99 -11.90 -21.66
C TYR A 375 21.54 -11.57 -21.30
N THR A 376 20.69 -11.57 -22.31
CA THR A 376 19.29 -11.29 -22.07
C THR A 376 18.60 -12.55 -21.57
N SER A 377 19.23 -13.69 -21.79
CA SER A 377 18.67 -14.98 -21.39
C SER A 377 19.69 -15.86 -20.64
N ARG A 378 19.28 -17.07 -20.27
CA ARG A 378 20.19 -18.04 -19.64
C ARG A 378 21.48 -18.16 -20.45
N PRO A 379 22.63 -18.13 -19.78
CA PRO A 379 23.89 -18.21 -20.54
C PRO A 379 24.24 -19.64 -20.91
N TRP A 380 24.17 -19.97 -22.19
CA TRP A 380 24.77 -21.19 -22.74
C TRP A 380 23.92 -22.45 -22.58
N ASP A 381 22.60 -22.26 -22.56
CA ASP A 381 21.65 -23.37 -22.49
C ASP A 381 21.28 -23.87 -23.88
N ASP A 382 21.94 -23.29 -24.88
CA ASP A 382 21.67 -23.55 -26.30
C ASP A 382 20.20 -23.23 -26.70
N ASN A 383 19.64 -22.21 -26.06
CA ASN A 383 18.40 -21.59 -26.51
C ASN A 383 18.69 -20.12 -26.71
N LEU A 384 18.16 -19.50 -27.76
CA LEU A 384 18.64 -18.16 -28.08
C LEU A 384 17.54 -17.14 -28.22
N SER A 385 17.88 -15.89 -27.97
CA SER A 385 16.97 -14.82 -28.30
C SER A 385 17.06 -14.66 -29.81
N PRO A 386 15.92 -14.70 -30.52
CA PRO A 386 16.00 -14.50 -31.96
C PRO A 386 16.33 -13.05 -32.30
N GLY A 387 15.85 -12.13 -31.46
CA GLY A 387 15.93 -10.71 -31.75
C GLY A 387 17.13 -10.00 -31.16
N TRP A 388 17.58 -10.46 -30.01
CA TRP A 388 18.49 -9.64 -29.24
C TRP A 388 19.89 -9.57 -29.87
N PRO A 389 20.36 -10.66 -30.50
CA PRO A 389 21.67 -10.54 -31.17
C PRO A 389 21.74 -9.46 -32.29
N MET A 390 20.79 -9.39 -33.22
CA MET A 390 20.84 -8.30 -34.20
C MET A 390 20.67 -6.91 -33.56
N PHE A 391 20.03 -6.87 -32.39
CA PHE A 391 19.68 -5.61 -31.76
C PHE A 391 20.89 -5.02 -31.05
N VAL A 392 21.70 -5.87 -30.45
CA VAL A 392 22.89 -5.42 -29.73
C VAL A 392 24.02 -5.16 -30.70
N ASP A 393 24.05 -5.96 -31.76
CA ASP A 393 25.07 -5.80 -32.80
C ASP A 393 24.91 -4.44 -33.45
N ASP A 394 23.67 -4.03 -33.63
CA ASP A 394 23.39 -2.73 -34.23
C ASP A 394 23.94 -1.60 -33.37
N ALA A 395 23.67 -1.67 -32.07
CA ALA A 395 24.22 -0.71 -31.11
C ALA A 395 25.76 -0.75 -31.11
N TYR A 396 26.32 -1.95 -31.29
CA TYR A 396 27.77 -2.13 -31.33
C TYR A 396 28.40 -1.39 -32.50
N ALA A 397 27.88 -1.63 -33.70
CA ALA A 397 28.36 -0.93 -34.88
C ALA A 397 28.31 0.59 -34.69
N THR A 398 27.22 1.09 -34.13
CA THR A 398 27.12 2.51 -33.87
C THR A 398 28.25 3.06 -33.01
N PHE A 399 28.69 2.29 -32.03
CA PHE A 399 29.76 2.70 -31.13
C PHE A 399 31.14 2.55 -31.79
N LEU A 400 31.28 1.55 -32.66
CA LEU A 400 32.54 1.30 -33.35
C LEU A 400 32.83 2.38 -34.40
N ASP A 401 31.76 2.90 -35.02
CA ASP A 401 31.88 3.85 -36.10
C ASP A 401 32.82 3.38 -37.22
N MET B 4 -5.50 -21.87 -39.43
CA MET B 4 -6.81 -21.60 -38.85
C MET B 4 -7.06 -22.44 -37.61
N THR B 5 -7.37 -23.72 -37.83
CA THR B 5 -7.67 -24.66 -36.77
C THR B 5 -6.97 -25.97 -37.06
N LEU B 6 -5.69 -26.02 -36.72
CA LEU B 6 -4.85 -27.17 -37.02
C LEU B 6 -5.49 -28.48 -36.60
N THR B 7 -5.20 -29.56 -37.32
CA THR B 7 -5.67 -30.90 -36.97
C THR B 7 -4.69 -31.99 -37.41
N HIS B 8 -3.81 -32.40 -36.49
CA HIS B 8 -2.83 -33.48 -36.69
C HIS B 8 -3.58 -34.73 -37.18
N PRO B 9 -2.84 -35.71 -37.73
CA PRO B 9 -3.47 -37.01 -38.04
C PRO B 9 -3.78 -37.85 -36.81
N ASN B 10 -2.86 -37.89 -35.84
CA ASN B 10 -3.01 -38.78 -34.67
C ASN B 10 -4.21 -38.45 -33.75
N GLY B 11 -5.18 -37.71 -34.28
CA GLY B 11 -6.41 -37.40 -33.58
C GLY B 11 -6.48 -35.99 -33.01
N LEU B 12 -5.33 -35.45 -32.60
CA LEU B 12 -5.27 -34.16 -31.93
C LEU B 12 -5.71 -32.98 -32.79
N VAL B 13 -6.68 -32.22 -32.28
CA VAL B 13 -7.22 -31.04 -32.97
C VAL B 13 -7.22 -29.75 -32.10
N VAL B 14 -6.27 -28.86 -32.39
CA VAL B 14 -6.08 -27.64 -31.60
C VAL B 14 -6.42 -26.37 -32.38
N GLU B 15 -6.57 -25.25 -31.69
CA GLU B 15 -6.86 -23.97 -32.35
C GLU B 15 -5.66 -23.03 -32.31
N ARG B 16 -4.94 -22.95 -33.43
CA ARG B 16 -3.69 -22.17 -33.51
C ARG B 16 -3.82 -20.77 -32.90
N PRO B 17 -2.78 -20.34 -32.16
CA PRO B 17 -2.70 -19.01 -31.55
C PRO B 17 -2.27 -17.96 -32.58
N VAL B 18 -2.99 -16.85 -32.65
CA VAL B 18 -2.66 -15.80 -33.62
C VAL B 18 -1.22 -15.30 -33.46
N GLY B 19 -0.47 -15.30 -34.54
CA GLY B 19 0.85 -14.69 -34.56
C GLY B 19 2.00 -15.64 -34.29
N PHE B 20 1.68 -16.92 -34.26
CA PHE B 20 2.69 -17.94 -34.02
C PHE B 20 2.90 -18.80 -35.25
N ASP B 21 4.13 -19.27 -35.43
CA ASP B 21 4.46 -20.15 -36.55
C ASP B 21 3.93 -21.55 -36.27
N ALA B 22 2.84 -21.90 -36.95
CA ALA B 22 2.38 -23.28 -36.96
C ALA B 22 3.48 -24.17 -37.56
N ARG B 23 3.98 -25.12 -36.78
CA ARG B 23 4.97 -26.08 -37.25
C ARG B 23 4.83 -27.44 -36.56
N ARG B 24 4.51 -28.47 -37.34
CA ARG B 24 4.17 -29.79 -36.79
C ARG B 24 5.36 -30.76 -36.58
N SER B 25 5.37 -31.43 -35.42
CA SER B 25 6.39 -32.43 -35.07
C SER B 25 5.76 -33.82 -34.91
N ALA B 26 6.59 -34.86 -35.02
CA ALA B 26 6.11 -36.25 -35.02
C ALA B 26 4.96 -36.50 -34.05
N GLU B 27 5.20 -36.23 -32.77
CA GLU B 27 4.21 -36.44 -31.72
C GLU B 27 2.96 -35.60 -31.98
N GLY B 28 3.15 -34.42 -32.55
CA GLY B 28 2.04 -33.54 -32.89
C GLY B 28 2.44 -32.19 -33.48
N PHE B 29 2.23 -31.13 -32.68
CA PHE B 29 2.43 -29.75 -33.13
C PHE B 29 3.48 -29.01 -32.27
N ARG B 30 4.03 -27.92 -32.81
CA ARG B 30 4.94 -27.03 -32.08
C ARG B 30 4.71 -25.56 -32.47
N PHE B 31 4.70 -24.66 -31.49
CA PHE B 31 4.41 -23.26 -31.78
C PHE B 31 5.54 -22.33 -31.32
N ASP B 32 6.09 -21.57 -32.26
CA ASP B 32 7.09 -20.54 -31.93
C ASP B 32 6.54 -19.18 -32.34
N GLU B 33 6.81 -18.15 -31.55
CA GLU B 33 6.25 -16.82 -31.84
C GLU B 33 6.97 -16.12 -32.97
N GLY B 34 6.21 -15.73 -33.98
CA GLY B 34 6.75 -14.99 -35.10
C GLY B 34 7.37 -13.67 -34.69
N GLY B 35 8.01 -13.00 -35.64
CA GLY B 35 8.71 -11.76 -35.35
C GLY B 35 10.10 -12.07 -34.86
N LYS B 36 10.95 -11.06 -34.80
CA LYS B 36 12.29 -11.23 -34.26
C LYS B 36 12.29 -10.63 -32.86
N LEU B 37 11.79 -11.42 -31.90
CA LEU B 37 11.50 -10.96 -30.57
C LEU B 37 12.64 -11.27 -29.60
N ARG B 38 12.81 -10.37 -28.63
CA ARG B 38 13.78 -10.53 -27.54
C ARG B 38 13.43 -11.76 -26.70
N ASN B 39 12.16 -11.83 -26.33
CA ASN B 39 11.68 -12.91 -25.51
C ASN B 39 10.46 -13.58 -26.10
N PRO B 40 10.68 -14.42 -27.12
CA PRO B 40 9.58 -15.14 -27.78
C PRO B 40 8.99 -16.22 -26.88
N ARG B 41 7.66 -16.30 -26.81
CA ARG B 41 7.03 -17.42 -26.13
C ARG B 41 7.14 -18.61 -27.07
N GLN B 42 7.10 -19.82 -26.53
CA GLN B 42 7.11 -20.99 -27.41
C GLN B 42 6.41 -22.20 -26.80
N LEU B 43 5.18 -22.39 -27.24
CA LEU B 43 4.35 -23.50 -26.80
C LEU B 43 4.76 -24.80 -27.50
N GLU B 44 3.81 -25.72 -27.63
CA GLU B 44 4.07 -27.06 -28.15
C GLU B 44 3.00 -28.02 -27.63
N VAL B 45 2.30 -28.72 -28.51
CA VAL B 45 1.27 -29.67 -28.08
C VAL B 45 1.55 -31.09 -28.61
N GLN B 46 1.22 -32.10 -27.81
CA GLN B 46 1.44 -33.50 -28.20
C GLN B 46 0.31 -34.38 -27.64
N ARG B 47 0.07 -35.52 -28.28
CA ARG B 47 -0.84 -36.52 -27.72
C ARG B 47 -0.06 -37.58 -26.94
N GLN B 48 -0.08 -37.47 -25.63
CA GLN B 48 0.67 -38.40 -24.79
C GLN B 48 -0.16 -39.59 -24.34
N ASP B 49 0.55 -40.65 -23.94
CA ASP B 49 -0.07 -41.87 -23.45
C ASP B 49 0.18 -42.02 -21.95
N ALA B 50 1.45 -42.23 -21.59
CA ALA B 50 1.85 -42.33 -20.20
C ALA B 50 1.27 -41.17 -19.40
N PRO B 51 0.90 -41.43 -18.15
CA PRO B 51 0.30 -40.41 -17.28
C PRO B 51 1.36 -39.49 -16.67
N PRO B 52 0.94 -38.30 -16.21
CA PRO B 52 1.82 -37.35 -15.52
C PRO B 52 2.42 -37.93 -14.23
N PRO B 53 3.69 -37.58 -13.92
CA PRO B 53 4.31 -38.01 -12.64
C PRO B 53 3.43 -37.61 -11.44
N PRO B 54 3.64 -38.27 -10.28
CA PRO B 54 2.71 -38.14 -9.14
C PRO B 54 2.59 -36.75 -8.51
N ASP B 55 3.67 -35.98 -8.46
CA ASP B 55 3.70 -34.73 -7.68
C ASP B 55 2.90 -33.54 -8.24
N LEU B 56 2.45 -33.64 -9.49
CA LEU B 56 1.82 -32.51 -10.17
C LEU B 56 0.68 -31.83 -9.40
N ALA B 57 0.68 -30.51 -9.40
CA ALA B 57 -0.40 -29.73 -8.78
C ALA B 57 -1.67 -29.83 -9.62
N SER B 58 -2.74 -29.23 -9.12
CA SER B 58 -4.03 -29.27 -9.83
C SER B 58 -4.65 -27.89 -9.95
N ARG B 59 -5.26 -27.62 -11.10
CA ARG B 59 -6.18 -26.49 -11.22
C ARG B 59 -7.36 -26.89 -12.09
N ARG B 60 -8.54 -26.45 -11.68
CA ARG B 60 -9.76 -26.76 -12.41
C ARG B 60 -9.81 -25.96 -13.70
N LEU B 61 -9.37 -26.58 -14.80
CA LEU B 61 -9.31 -25.89 -16.09
C LEU B 61 -10.46 -26.29 -17.02
N GLY B 62 -11.36 -25.34 -17.24
CA GLY B 62 -12.56 -25.59 -18.02
C GLY B 62 -13.58 -26.30 -17.16
N ASP B 63 -14.00 -27.49 -17.59
CA ASP B 63 -14.95 -28.30 -16.84
C ASP B 63 -14.28 -29.50 -16.18
N GLY B 64 -13.08 -29.85 -16.64
CA GLY B 64 -12.31 -30.92 -16.06
C GLY B 64 -11.14 -30.39 -15.24
N GLU B 65 -10.21 -31.27 -14.89
CA GLU B 65 -9.05 -30.82 -14.11
C GLU B 65 -7.74 -30.90 -14.91
N ALA B 66 -6.73 -30.20 -14.43
CA ALA B 66 -5.43 -30.15 -15.08
C ALA B 66 -4.30 -30.42 -14.09
N ARG B 67 -3.36 -31.27 -14.49
CA ARG B 67 -2.20 -31.60 -13.68
C ARG B 67 -0.97 -30.82 -14.16
N TYR B 68 -0.58 -29.78 -13.42
CA TYR B 68 0.48 -28.87 -13.88
C TYR B 68 1.76 -28.77 -13.03
N LYS B 69 2.89 -28.68 -13.72
CA LYS B 69 4.21 -28.48 -13.13
C LYS B 69 4.81 -27.16 -13.65
N VAL B 70 5.56 -26.43 -12.82
CA VAL B 70 6.16 -25.14 -13.22
C VAL B 70 7.63 -24.95 -12.79
N GLU B 71 8.54 -24.93 -13.78
CA GLU B 71 9.96 -24.74 -13.50
C GLU B 71 10.41 -23.27 -13.52
N GLU B 72 11.52 -22.99 -12.85
CA GLU B 72 12.11 -21.65 -12.82
C GLU B 72 13.63 -21.76 -12.71
N ASP B 73 14.33 -20.91 -13.44
CA ASP B 73 15.79 -20.95 -13.51
C ASP B 73 16.37 -19.55 -13.75
N ASP B 74 17.63 -19.38 -13.36
CA ASP B 74 18.28 -18.11 -13.57
C ASP B 74 18.35 -17.86 -15.07
N GLY B 75 17.94 -16.68 -15.50
CA GLY B 75 18.01 -16.34 -16.91
C GLY B 75 19.04 -15.27 -17.19
N GLY B 76 18.57 -14.17 -17.77
CA GLY B 76 19.39 -13.01 -18.05
C GLY B 76 18.58 -11.79 -17.73
N SER B 77 18.87 -10.66 -18.37
CA SER B 77 18.23 -9.40 -18.05
C SER B 77 16.78 -9.33 -18.49
N ALA B 78 16.31 -10.31 -19.24
CA ALA B 78 14.89 -10.31 -19.57
C ALA B 78 14.10 -10.97 -18.44
N GLY B 79 14.83 -11.43 -17.43
CA GLY B 79 14.24 -12.04 -16.25
C GLY B 79 14.49 -13.52 -16.24
N SER B 80 13.88 -14.23 -15.31
CA SER B 80 14.14 -15.66 -15.17
C SER B 80 13.45 -16.49 -16.27
N GLU B 81 14.03 -17.65 -16.59
CA GLU B 81 13.38 -18.67 -17.42
C GLU B 81 12.22 -19.29 -16.65
N TYR B 82 11.07 -19.49 -17.30
CA TYR B 82 9.92 -20.15 -16.67
C TYR B 82 9.33 -21.17 -17.66
N ARG B 83 9.51 -22.46 -17.40
CA ARG B 83 8.90 -23.48 -18.25
C ARG B 83 7.62 -24.05 -17.62
N LEU B 84 6.53 -24.08 -18.38
CA LEU B 84 5.28 -24.68 -17.89
C LEU B 84 5.14 -26.14 -18.32
N TRP B 85 4.23 -26.84 -17.64
CA TRP B 85 3.92 -28.22 -17.97
C TRP B 85 2.56 -28.61 -17.38
N ALA B 86 1.61 -28.96 -18.24
CA ALA B 86 0.27 -29.33 -17.81
C ALA B 86 -0.40 -30.35 -18.74
N ALA B 87 -1.18 -31.26 -18.16
CA ALA B 87 -1.90 -32.28 -18.92
C ALA B 87 -3.35 -32.35 -18.47
N LYS B 88 -4.23 -32.82 -19.35
CA LYS B 88 -5.65 -33.00 -19.00
C LYS B 88 -6.18 -34.34 -19.51
N PRO B 89 -7.19 -34.88 -18.82
CA PRO B 89 -7.80 -36.14 -19.26
C PRO B 89 -8.34 -36.04 -20.69
N ALA B 90 -7.80 -36.87 -21.57
CA ALA B 90 -8.29 -36.98 -22.93
C ALA B 90 -8.54 -38.46 -23.28
N GLY B 91 -9.73 -38.95 -22.93
CA GLY B 91 -10.09 -40.33 -23.17
C GLY B 91 -9.21 -41.30 -22.39
N ALA B 92 -8.48 -42.14 -23.11
CA ALA B 92 -7.59 -43.11 -22.51
C ALA B 92 -6.22 -42.51 -22.29
N ARG B 93 -5.92 -41.46 -23.05
CA ARG B 93 -4.62 -40.80 -23.02
C ARG B 93 -4.74 -39.37 -22.49
N TRP B 94 -3.71 -38.55 -22.73
CA TRP B 94 -3.73 -37.16 -22.30
C TRP B 94 -3.26 -36.18 -23.38
N ILE B 95 -3.74 -34.94 -23.29
CA ILE B 95 -3.30 -33.85 -24.16
C ILE B 95 -2.40 -32.90 -23.39
N VAL B 96 -1.10 -32.95 -23.68
CA VAL B 96 -0.09 -32.17 -22.96
C VAL B 96 0.24 -30.83 -23.63
N VAL B 97 0.38 -29.78 -22.83
CA VAL B 97 0.84 -28.47 -23.31
C VAL B 97 2.21 -28.15 -22.69
N SER B 98 3.12 -27.63 -23.51
CA SER B 98 4.48 -27.29 -23.08
C SER B 98 4.79 -25.84 -23.47
N ALA B 99 5.11 -24.98 -22.51
CA ALA B 99 5.25 -23.55 -22.80
C ALA B 99 6.46 -22.85 -22.14
N SER B 100 7.28 -22.16 -22.94
CA SER B 100 8.40 -21.39 -22.40
C SER B 100 8.15 -19.89 -22.34
N GLU B 101 9.07 -19.17 -21.69
CA GLU B 101 8.89 -17.75 -21.41
C GLU B 101 9.91 -17.26 -20.38
N GLN B 102 10.45 -16.07 -20.59
CA GLN B 102 11.24 -15.42 -19.54
C GLN B 102 10.39 -14.36 -18.85
N SER B 103 10.65 -14.13 -17.57
CA SER B 103 9.93 -13.08 -16.87
C SER B 103 10.72 -12.45 -15.76
N GLU B 104 10.36 -11.21 -15.49
CA GLU B 104 11.06 -10.36 -14.57
C GLU B 104 10.14 -10.18 -13.37
N ASP B 105 8.85 -10.35 -13.68
CA ASP B 105 7.78 -10.07 -12.75
C ASP B 105 7.14 -11.36 -12.22
N GLY B 106 8.00 -12.26 -11.70
CA GLY B 106 7.56 -13.52 -11.17
C GLY B 106 6.84 -14.39 -12.20
N GLU B 107 6.22 -15.47 -11.73
CA GLU B 107 5.62 -16.46 -12.62
C GLU B 107 4.62 -15.85 -13.60
N PRO B 108 4.77 -16.20 -14.90
CA PRO B 108 3.92 -15.76 -16.02
C PRO B 108 2.51 -16.39 -15.98
N THR B 109 1.49 -15.68 -16.46
CA THR B 109 0.13 -16.20 -16.34
C THR B 109 -0.06 -17.45 -17.18
N PHE B 110 0.53 -17.47 -18.37
CA PHE B 110 0.38 -18.59 -19.30
C PHE B 110 -1.01 -18.68 -19.92
N ALA B 111 -1.71 -17.55 -19.96
CA ALA B 111 -3.03 -17.46 -20.57
C ALA B 111 -3.10 -18.19 -21.90
N LEU B 112 -2.04 -18.05 -22.70
CA LEU B 112 -2.01 -18.64 -24.03
C LEU B 112 -1.72 -20.15 -23.97
N ALA B 113 -0.95 -20.58 -22.97
CA ALA B 113 -0.67 -22.00 -22.81
C ALA B 113 -1.86 -22.79 -22.22
N TRP B 114 -2.73 -22.11 -21.47
CA TRP B 114 -3.94 -22.72 -20.89
C TRP B 114 -5.07 -22.78 -21.92
N ALA B 115 -5.25 -21.69 -22.67
CA ALA B 115 -6.25 -21.64 -23.73
C ALA B 115 -5.99 -22.70 -24.81
N LEU B 116 -4.76 -23.19 -24.86
CA LEU B 116 -4.34 -24.17 -25.86
C LEU B 116 -4.52 -25.58 -25.33
N LEU B 117 -4.96 -25.68 -24.08
CA LEU B 117 -5.26 -26.97 -23.48
C LEU B 117 -6.75 -27.09 -23.23
N GLU B 118 -7.39 -25.98 -22.86
CA GLU B 118 -8.83 -25.95 -22.63
C GLU B 118 -9.60 -26.26 -23.91
N ARG B 119 -9.14 -25.70 -25.02
CA ARG B 119 -9.74 -25.92 -26.33
C ARG B 119 -9.39 -27.29 -26.94
N ALA B 120 -8.11 -27.68 -26.85
CA ALA B 120 -7.64 -28.94 -27.43
C ALA B 120 -8.51 -30.13 -27.04
N ARG B 121 -9.03 -30.83 -28.04
CA ARG B 121 -9.83 -32.04 -27.81
C ARG B 121 -9.23 -33.19 -28.61
N LEU B 122 -9.89 -34.35 -28.63
CA LEU B 122 -9.46 -35.47 -29.47
C LEU B 122 -10.58 -35.97 -30.40
N GLN B 123 -10.20 -36.46 -31.58
CA GLN B 123 -11.15 -36.89 -32.62
C GLN B 123 -12.24 -37.82 -32.08
N THR C 1 6.89 -2.49 47.71
CA THR C 1 5.83 -3.37 48.22
C THR C 1 6.15 -4.81 47.85
N ALA C 2 5.29 -5.74 48.26
CA ALA C 2 5.51 -7.13 47.91
C ALA C 2 5.55 -7.26 46.40
N THR C 3 4.61 -6.62 45.73
CA THR C 3 4.56 -6.72 44.27
C THR C 3 5.78 -6.05 43.62
N SER C 4 6.29 -5.00 44.24
CA SER C 4 7.50 -4.35 43.75
C SER C 4 8.65 -5.36 43.72
N ASP C 5 8.92 -5.98 44.85
CA ASP C 5 9.97 -6.98 44.95
C ASP C 5 9.84 -8.11 43.92
N LEU C 6 8.66 -8.75 43.83
CA LEU C 6 8.49 -9.80 42.83
C LEU C 6 8.87 -9.34 41.44
N ILE C 7 8.50 -8.12 41.08
CA ILE C 7 8.79 -7.63 39.74
C ILE C 7 10.28 -7.39 39.58
N GLU C 8 10.90 -6.85 40.62
CA GLU C 8 12.35 -6.60 40.60
C GLU C 8 13.16 -7.88 40.30
N SER C 9 12.75 -9.02 40.85
CA SER C 9 13.48 -10.25 40.58
C SER C 9 13.14 -10.85 39.20
N LEU C 10 11.97 -10.53 38.67
CA LEU C 10 11.58 -11.08 37.38
C LEU C 10 12.24 -10.32 36.24
N ILE C 11 12.45 -9.01 36.41
CA ILE C 11 13.07 -8.22 35.35
C ILE C 11 14.57 -8.00 35.53
N SER C 12 15.07 -8.21 36.75
CA SER C 12 16.49 -8.00 37.02
C SER C 12 17.37 -9.06 36.36
N TYR C 13 18.51 -8.61 35.83
CA TYR C 13 19.49 -9.48 35.21
C TYR C 13 20.52 -9.94 36.24
N SER C 14 21.02 -11.15 36.07
CA SER C 14 22.04 -11.70 36.96
C SER C 14 23.14 -12.33 36.10
N TRP C 15 24.14 -12.90 36.75
CA TRP C 15 25.22 -13.51 35.98
C TRP C 15 24.69 -14.57 35.01
N ASP C 16 23.70 -15.34 35.47
CA ASP C 16 23.20 -16.43 34.65
C ASP C 16 21.85 -16.11 34.02
N ASP C 17 21.50 -14.82 34.00
CA ASP C 17 20.16 -14.42 33.59
C ASP C 17 20.18 -13.09 32.84
N TRP C 18 19.94 -13.15 31.54
CA TRP C 18 20.19 -12.00 30.69
C TRP C 18 19.01 -11.48 29.88
N GLN C 19 17.89 -12.20 29.95
CA GLN C 19 16.70 -11.83 29.23
C GLN C 19 15.55 -11.93 30.18
N VAL C 20 14.54 -11.07 30.01
CA VAL C 20 13.26 -11.28 30.66
C VAL C 20 12.43 -12.11 29.71
N THR C 21 12.31 -13.40 29.99
CA THR C 21 11.63 -14.29 29.05
C THR C 21 10.18 -13.90 28.83
N ARG C 22 9.55 -14.58 27.89
CA ARG C 22 8.16 -14.35 27.56
C ARG C 22 7.25 -14.71 28.75
N GLN C 23 7.70 -15.69 29.52
CA GLN C 23 6.92 -16.20 30.63
C GLN C 23 7.11 -15.39 31.89
N GLU C 24 8.30 -14.85 32.09
CA GLU C 24 8.51 -13.96 33.21
C GLU C 24 7.73 -12.70 32.96
N ALA C 25 7.70 -12.27 31.70
CA ALA C 25 6.92 -11.11 31.33
C ALA C 25 5.45 -11.29 31.71
N ARG C 26 4.85 -12.42 31.33
CA ARG C 26 3.46 -12.73 31.70
C ARG C 26 3.25 -12.73 33.21
N ARG C 27 4.20 -13.30 33.94
CA ARG C 27 4.18 -13.30 35.40
CA ARG C 27 4.10 -13.30 35.40
C ARG C 27 4.18 -11.88 35.96
N VAL C 28 4.89 -10.99 35.26
CA VAL C 28 5.00 -9.59 35.67
C VAL C 28 3.66 -8.87 35.48
N ILE C 29 3.07 -9.01 34.29
CA ILE C 29 1.78 -8.43 33.98
C ILE C 29 0.69 -8.99 34.91
N ALA C 30 0.75 -10.29 35.18
CA ALA C 30 -0.21 -10.88 36.10
C ALA C 30 -0.08 -10.24 37.49
N ALA C 31 1.14 -9.99 37.90
CA ALA C 31 1.41 -9.50 39.24
C ALA C 31 0.95 -8.06 39.39
N ILE C 32 0.93 -7.32 38.28
CA ILE C 32 0.53 -5.92 38.27
C ILE C 32 -0.98 -5.82 38.38
N ARG C 33 -1.65 -6.72 37.67
CA ARG C 33 -3.10 -6.75 37.61
C ARG C 33 -3.71 -7.20 38.93
N ASN C 34 -2.99 -8.06 39.62
CA ASN C 34 -3.49 -8.66 40.84
C ASN C 34 -2.92 -7.99 42.09
N ASP C 35 -2.46 -6.76 41.93
CA ASP C 35 -1.82 -6.05 43.02
C ASP C 35 -2.85 -5.22 43.78
N ASN C 36 -2.73 -5.21 45.12
CA ASN C 36 -3.68 -4.47 45.93
C ASN C 36 -3.24 -3.02 46.17
N VAL C 37 -1.98 -2.70 45.91
CA VAL C 37 -1.49 -1.36 46.20
C VAL C 37 -0.69 -0.72 45.06
N PRO C 38 -1.22 -0.76 43.83
CA PRO C 38 -0.58 -0.32 42.59
C PRO C 38 0.20 0.99 42.64
N ASP C 39 -0.25 1.97 43.40
CA ASP C 39 0.47 3.24 43.40
C ASP C 39 1.82 3.12 44.13
N ALA C 40 1.82 2.46 45.29
CA ALA C 40 3.02 2.26 46.09
C ALA C 40 4.04 1.41 45.33
N THR C 41 3.54 0.31 44.79
CA THR C 41 4.30 -0.59 43.95
C THR C 41 5.10 0.17 42.89
N ILE C 42 4.46 1.08 42.17
CA ILE C 42 5.13 1.85 41.13
C ILE C 42 6.17 2.83 41.67
N ALA C 43 5.84 3.53 42.76
CA ALA C 43 6.77 4.49 43.36
C ALA C 43 8.06 3.75 43.76
N ALA C 44 7.88 2.62 44.45
CA ALA C 44 8.95 1.67 44.70
C ALA C 44 9.82 1.37 43.44
N LEU C 45 9.20 0.85 42.38
CA LEU C 45 9.94 0.56 41.16
C LEU C 45 10.65 1.78 40.58
N ASP C 46 10.13 2.97 40.86
CA ASP C 46 10.79 4.18 40.37
C ASP C 46 12.04 4.44 41.22
N LYS C 47 11.88 4.28 42.53
CA LYS C 47 12.94 4.54 43.47
C LYS C 47 14.20 3.73 43.10
N SER C 48 13.98 2.54 42.54
CA SER C 48 15.06 1.56 42.33
C SER C 48 15.67 1.64 40.96
N GLY C 49 15.17 2.56 40.16
CA GLY C 49 15.65 2.72 38.80
C GLY C 49 15.14 1.62 37.90
N SER C 50 14.32 0.74 38.45
CA SER C 50 13.82 -0.40 37.69
C SER C 50 12.50 -0.16 36.96
N LEU C 51 11.88 1.01 37.15
CA LEU C 51 10.64 1.33 36.43
C LEU C 51 10.93 1.42 34.94
N ILE C 52 11.98 2.16 34.61
CA ILE C 52 12.40 2.32 33.23
C ILE C 52 12.76 0.96 32.65
N LYS C 53 13.52 0.18 33.42
CA LYS C 53 13.97 -1.15 32.99
C LYS C 53 12.77 -2.02 32.60
N LEU C 54 11.79 -2.07 33.49
CA LEU C 54 10.55 -2.79 33.27
C LEU C 54 9.95 -2.52 31.87
N PHE C 55 9.83 -1.26 31.49
CA PHE C 55 9.32 -0.95 30.15
C PHE C 55 10.21 -1.39 28.99
N GLN C 56 11.53 -1.34 29.18
CA GLN C 56 12.47 -1.72 28.12
C GLN C 56 12.56 -3.21 27.92
N ARG C 57 12.29 -3.98 28.97
CA ARG C 57 12.57 -5.42 28.94
C ARG C 57 11.38 -6.31 28.62
N VAL C 58 10.18 -5.89 29.02
CA VAL C 58 8.97 -6.57 28.56
C VAL C 58 8.77 -6.17 27.12
N GLY C 59 8.96 -7.13 26.21
CA GLY C 59 9.42 -6.84 24.86
C GLY C 59 8.49 -6.86 23.66
N PRO C 60 7.88 -8.03 23.37
CA PRO C 60 6.97 -8.11 22.21
C PRO C 60 5.84 -7.11 22.36
N PRO C 61 5.37 -6.54 21.25
CA PRO C 61 4.40 -5.45 21.43
C PRO C 61 3.15 -5.90 22.19
N GLU C 62 2.66 -7.10 21.90
CA GLU C 62 1.41 -7.57 22.52
C GLU C 62 1.54 -7.61 24.05
N LEU C 63 2.73 -7.99 24.52
CA LEU C 63 2.98 -7.99 25.94
C LEU C 63 3.13 -6.58 26.48
N ALA C 64 3.78 -5.71 25.72
CA ALA C 64 3.99 -4.34 26.18
C ALA C 64 2.64 -3.64 26.29
N ARG C 65 1.69 -4.06 25.47
CA ARG C 65 0.35 -3.49 25.51
C ARG C 65 -0.32 -3.82 26.84
N SER C 66 -0.29 -5.09 27.22
CA SER C 66 -0.87 -5.53 28.48
C SER C 66 -0.24 -4.84 29.68
N LEU C 67 1.08 -4.83 29.70
CA LEU C 67 1.82 -4.17 30.76
C LEU C 67 1.41 -2.70 30.83
N ILE C 68 1.62 -1.97 29.74
CA ILE C 68 1.35 -0.54 29.70
C ILE C 68 -0.09 -0.25 30.08
N ALA C 69 -1.02 -1.03 29.54
CA ALA C 69 -2.44 -0.88 29.83
C ALA C 69 -2.81 -1.15 31.29
N SER C 70 -2.22 -2.19 31.88
CA SER C 70 -2.53 -2.51 33.26
C SER C 70 -2.04 -1.43 34.20
N ILE C 71 -0.90 -0.83 33.87
CA ILE C 71 -0.33 0.20 34.73
C ILE C 71 -1.00 1.55 34.51
N ALA C 72 -1.32 1.87 33.25
CA ALA C 72 -2.10 3.06 32.98
C ALA C 72 -3.43 3.05 33.75
N GLY C 73 -4.10 1.91 33.76
CA GLY C 73 -5.42 1.82 34.35
C GLY C 73 -5.56 1.71 35.86
N ARG C 74 -4.54 1.12 36.51
CA ARG C 74 -4.61 0.81 37.94
C ARG C 74 -3.98 1.89 38.84
N THR C 75 -3.24 2.82 38.27
CA THR C 75 -2.44 3.75 39.08
C THR C 75 -2.98 5.17 39.09
N THR C 76 -3.26 5.67 40.30
CA THR C 76 -3.80 7.01 40.45
C THR C 76 -2.72 8.10 40.46
N MET C 77 -2.19 8.43 41.64
CA MET C 77 -1.27 9.55 41.76
C MET C 77 0.16 9.29 41.24
N GLN C 78 0.40 8.09 40.70
CA GLN C 78 1.73 7.74 40.19
C GLN C 78 1.81 7.69 38.67
N ARG C 79 0.68 7.94 38.03
CA ARG C 79 0.58 7.88 36.58
C ARG C 79 1.74 8.57 35.89
N TYR C 80 2.08 9.77 36.36
CA TYR C 80 3.15 10.54 35.74
C TYR C 80 4.47 9.78 35.72
N GLN C 81 4.86 9.24 36.87
CA GLN C 81 6.15 8.57 36.98
C GLN C 81 6.17 7.47 35.95
N ALA C 82 5.06 6.72 35.89
CA ALA C 82 4.92 5.65 34.94
C ALA C 82 5.07 6.16 33.49
N ARG C 83 4.39 7.27 33.20
CA ARG C 83 4.39 7.86 31.87
C ARG C 83 5.78 8.36 31.47
N ASN C 84 6.43 9.10 32.37
CA ASN C 84 7.80 9.56 32.14
C ASN C 84 8.71 8.37 31.86
N ALA C 85 8.73 7.44 32.81
CA ALA C 85 9.45 6.19 32.67
C ALA C 85 9.26 5.56 31.28
N LEU C 86 8.03 5.59 30.77
CA LEU C 86 7.73 4.99 29.47
C LEU C 86 8.27 5.80 28.29
N ILE C 87 8.17 7.13 28.40
CA ILE C 87 8.72 8.04 27.37
C ILE C 87 10.22 7.78 27.28
N ARG C 88 10.88 7.90 28.43
CA ARG C 88 12.31 7.63 28.57
C ARG C 88 12.69 6.26 28.05
N SER C 89 11.71 5.36 27.97
CA SER C 89 11.94 4.00 27.49
C SER C 89 11.88 3.88 25.94
N LEU C 90 11.36 4.90 25.29
CA LEU C 90 11.02 4.77 23.88
C LEU C 90 12.15 5.19 23.00
N ILE C 91 13.20 5.73 23.61
CA ILE C 91 14.44 6.02 22.87
C ILE C 91 15.09 4.72 22.43
N ASN C 92 15.65 4.71 21.23
CA ASN C 92 16.25 3.50 20.68
C ASN C 92 15.16 2.64 20.05
N ASN C 93 14.37 2.00 20.92
CA ASN C 93 13.22 1.17 20.55
C ASN C 93 11.91 1.93 20.70
N PRO C 94 11.63 2.85 19.75
CA PRO C 94 10.41 3.63 19.91
C PRO C 94 9.20 2.91 19.35
N LEU C 95 9.37 1.69 18.84
CA LEU C 95 8.22 0.98 18.26
C LEU C 95 7.12 0.76 19.28
N GLY C 96 7.48 0.22 20.43
CA GLY C 96 6.56 0.14 21.57
C GLY C 96 5.31 -0.69 21.32
N THR C 97 4.15 -0.06 21.45
CA THR C 97 2.87 -0.74 21.26
C THR C 97 2.28 -0.47 19.88
N GLN C 98 2.97 0.37 19.10
CA GLN C 98 2.44 0.88 17.83
C GLN C 98 2.54 -0.11 16.68
N THR C 99 2.11 -1.35 16.92
CA THR C 99 2.10 -2.36 15.88
C THR C 99 0.69 -2.97 15.67
N ASP C 100 0.44 -3.51 14.48
CA ASP C 100 -0.83 -4.19 14.19
C ASP C 100 -2.03 -3.25 14.30
N ASN C 101 -3.03 -3.66 15.06
CA ASN C 101 -4.26 -2.89 15.26
C ASN C 101 -3.98 -1.47 15.80
N TRP C 102 -2.89 -1.34 16.55
CA TRP C 102 -2.60 -0.12 17.28
C TRP C 102 -1.64 0.80 16.53
N ILE C 103 -1.40 0.42 15.28
CA ILE C 103 -0.55 1.15 14.35
C ILE C 103 -0.78 2.68 14.31
N TYR C 104 -1.96 3.14 14.71
CA TYR C 104 -2.28 4.57 14.58
C TYR C 104 -2.25 5.29 15.91
N PHE C 105 -2.05 4.53 16.97
CA PHE C 105 -1.81 5.17 18.26
C PHE C 105 -0.32 5.13 18.53
N PRO C 106 0.30 6.31 18.64
CA PRO C 106 1.68 6.40 19.13
C PRO C 106 1.73 5.80 20.53
N THR C 107 2.74 4.99 20.81
CA THR C 107 2.87 4.36 22.12
C THR C 107 2.45 5.25 23.30
N ILE C 108 2.89 6.50 23.32
CA ILE C 108 2.56 7.38 24.43
C ILE C 108 1.06 7.66 24.50
N THR C 109 0.41 7.61 23.34
CA THR C 109 -1.00 7.95 23.23
C THR C 109 -1.79 6.75 23.69
N PHE C 110 -1.25 5.57 23.39
CA PHE C 110 -1.86 4.34 23.82
C PHE C 110 -1.89 4.30 25.33
N PHE C 111 -0.80 4.70 25.96
CA PHE C 111 -0.80 4.88 27.41
C PHE C 111 -1.96 5.78 27.88
N ASP C 112 -2.10 6.94 27.23
CA ASP C 112 -3.06 7.97 27.65
C ASP C 112 -4.52 7.58 27.48
N ILE C 113 -4.82 6.89 26.38
CA ILE C 113 -6.14 6.32 26.16
C ILE C 113 -6.45 5.30 27.25
N CYS C 114 -5.49 4.46 27.59
CA CYS C 114 -5.71 3.51 28.67
C CYS C 114 -5.95 4.16 30.02
N ALA C 115 -5.26 5.24 30.33
CA ALA C 115 -5.43 5.86 31.64
C ALA C 115 -6.81 6.51 31.73
N ASP C 116 -7.14 7.32 30.73
CA ASP C 116 -8.43 8.00 30.68
C ASP C 116 -9.59 7.02 30.65
N LEU C 117 -9.44 5.97 29.85
CA LEU C 117 -10.46 4.94 29.74
C LEU C 117 -10.78 4.28 31.09
N ALA C 118 -9.75 3.88 31.83
CA ALA C 118 -9.94 3.28 33.14
C ALA C 118 -10.58 4.25 34.15
N ASP C 119 -10.23 5.55 34.05
CA ASP C 119 -10.89 6.56 34.86
C ASP C 119 -12.38 6.64 34.52
N ALA C 120 -12.67 6.86 33.25
CA ALA C 120 -14.03 6.91 32.77
C ALA C 120 -14.83 5.71 33.24
N ALA C 121 -14.30 4.52 33.00
CA ALA C 121 -15.03 3.31 33.36
C ALA C 121 -15.41 3.23 34.85
N GLY C 122 -14.60 3.82 35.72
CA GLY C 122 -14.87 3.71 37.14
C GLY C 122 -15.87 4.75 37.57
N ARG C 123 -15.69 5.93 37.00
CA ARG C 123 -16.49 7.11 37.28
C ARG C 123 -17.89 6.99 36.70
N LEU C 124 -18.02 6.28 35.57
CA LEU C 124 -19.32 6.14 34.92
C LEU C 124 -19.93 4.75 35.09
N GLY C 125 -19.22 3.87 35.78
CA GLY C 125 -19.78 2.58 36.17
C GLY C 125 -19.84 1.47 35.14
N PHE C 126 -18.76 1.27 34.41
CA PHE C 126 -18.68 0.12 33.50
C PHE C 126 -17.32 -0.59 33.58
N ALA C 127 -16.69 -0.49 34.75
CA ALA C 127 -15.40 -1.13 34.96
C ALA C 127 -15.55 -2.61 35.30
N ALA C 128 -16.72 -2.99 35.79
CA ALA C 128 -16.95 -4.34 36.35
C ALA C 128 -17.15 -5.39 35.27
N ALA C 129 -16.61 -6.57 35.52
CA ALA C 129 -16.48 -7.59 34.48
C ALA C 129 -17.81 -8.20 34.07
N GLY C 130 -17.85 -8.68 32.83
CA GLY C 130 -19.06 -9.25 32.29
C GLY C 130 -18.98 -10.73 32.00
N ALA C 131 -19.98 -11.46 32.51
CA ALA C 131 -20.17 -12.86 32.13
C ALA C 131 -19.94 -12.99 30.62
N THR C 132 -19.24 -14.06 30.23
CA THR C 132 -18.86 -14.26 28.82
C THR C 132 -19.98 -14.82 27.91
N GLY C 133 -21.16 -14.18 27.91
CA GLY C 133 -22.26 -14.54 27.01
C GLY C 133 -21.80 -14.90 25.61
N VAL C 134 -22.51 -15.82 24.95
CA VAL C 134 -22.04 -16.39 23.69
C VAL C 134 -22.31 -15.50 22.47
N ALA C 135 -21.46 -15.61 21.47
CA ALA C 135 -21.60 -14.81 20.25
C ALA C 135 -21.96 -15.69 19.06
N SER C 136 -22.58 -15.07 18.06
CA SER C 136 -22.91 -15.76 16.83
C SER C 136 -21.66 -16.20 16.06
N GLN C 137 -21.85 -17.20 15.21
CA GLN C 137 -20.79 -17.77 14.39
C GLN C 137 -20.93 -17.39 12.92
N ALA C 138 -21.91 -16.56 12.61
CA ALA C 138 -22.15 -16.13 11.25
C ALA C 138 -20.94 -15.42 10.71
N ILE C 139 -20.70 -15.58 9.42
CA ILE C 139 -19.62 -14.84 8.79
C ILE C 139 -20.13 -14.14 7.54
N GLN C 140 -21.38 -14.40 7.19
CA GLN C 140 -21.99 -13.73 6.05
C GLN C 140 -23.47 -13.41 6.29
N GLY C 141 -23.99 -12.45 5.53
CA GLY C 141 -25.38 -12.06 5.66
C GLY C 141 -25.64 -11.11 6.82
N PRO C 142 -26.90 -10.65 6.96
CA PRO C 142 -27.38 -9.72 7.98
C PRO C 142 -27.05 -10.25 9.36
N PHE C 143 -26.80 -9.33 10.29
CA PHE C 143 -26.40 -9.66 11.65
C PHE C 143 -25.15 -10.60 11.71
N SER C 144 -24.12 -10.28 10.94
CA SER C 144 -22.84 -11.02 10.99
C SER C 144 -21.64 -10.11 11.28
N GLY C 145 -21.92 -8.85 11.62
CA GLY C 145 -20.88 -7.91 11.97
C GLY C 145 -20.48 -8.05 13.42
N VAL C 146 -19.72 -7.10 13.95
CA VAL C 146 -19.17 -7.21 15.30
C VAL C 146 -20.25 -7.32 16.38
N GLY C 147 -21.39 -6.66 16.16
CA GLY C 147 -22.52 -6.81 17.07
C GLY C 147 -22.88 -8.26 17.34
N ALA C 148 -23.09 -9.03 16.27
CA ALA C 148 -23.49 -10.42 16.40
C ALA C 148 -22.30 -11.27 16.84
N THR C 149 -21.13 -10.81 16.49
CA THR C 149 -20.04 -11.73 16.27
C THR C 149 -18.88 -11.59 17.23
N GLY C 150 -18.75 -10.41 17.83
CA GLY C 150 -17.69 -10.13 18.76
C GLY C 150 -16.31 -10.08 18.12
N VAL C 151 -16.23 -10.35 16.82
CA VAL C 151 -15.00 -10.29 16.07
C VAL C 151 -14.78 -8.87 15.63
N ASN C 152 -13.69 -8.28 16.13
CA ASN C 152 -13.44 -6.85 15.96
C ASN C 152 -13.10 -6.45 14.52
N PRO C 153 -13.61 -5.31 14.05
CA PRO C 153 -13.41 -4.97 12.63
C PRO C 153 -11.94 -4.82 12.23
N THR C 154 -11.08 -4.42 13.16
CA THR C 154 -9.66 -4.25 12.88
C THR C 154 -8.91 -5.59 12.87
N ASP C 155 -9.63 -6.67 13.17
CA ASP C 155 -9.04 -8.01 13.26
C ASP C 155 -9.36 -8.78 12.00
N LEU C 156 -10.16 -8.16 11.15
CA LEU C 156 -10.60 -8.83 9.94
C LEU C 156 -9.46 -8.76 8.93
N PRO C 157 -9.24 -9.85 8.17
CA PRO C 157 -8.25 -9.88 7.09
C PRO C 157 -8.45 -8.71 6.14
N SER C 158 -7.35 -8.30 5.52
CA SER C 158 -7.41 -7.25 4.51
C SER C 158 -8.21 -7.74 3.34
N ILE C 159 -8.96 -6.85 2.71
CA ILE C 159 -9.72 -7.23 1.54
C ILE C 159 -8.74 -7.58 0.42
N ALA C 160 -8.98 -8.72 -0.23
CA ALA C 160 -8.12 -9.18 -1.32
C ALA C 160 -7.92 -8.12 -2.42
N PHE C 161 -6.81 -8.21 -3.13
CA PHE C 161 -6.46 -7.21 -4.14
C PHE C 161 -7.46 -7.16 -5.28
N GLY C 162 -7.97 -8.32 -5.69
CA GLY C 162 -8.95 -8.37 -6.76
C GLY C 162 -10.14 -7.51 -6.40
N ASP C 163 -10.62 -7.70 -5.18
CA ASP C 163 -11.79 -7.01 -4.67
C ASP C 163 -11.56 -5.52 -4.43
N GLN C 164 -10.41 -5.15 -3.90
CA GLN C 164 -10.11 -3.73 -3.67
C GLN C 164 -10.14 -2.98 -4.98
N LEU C 165 -9.91 -3.73 -6.05
CA LEU C 165 -9.82 -3.18 -7.39
C LEU C 165 -11.23 -2.95 -7.90
N LYS C 166 -12.02 -4.03 -7.89
CA LYS C 166 -13.41 -3.93 -8.31
C LYS C 166 -14.12 -2.89 -7.45
N LEU C 167 -13.65 -2.73 -6.21
CA LEU C 167 -14.22 -1.74 -5.30
C LEU C 167 -13.80 -0.32 -5.62
N LEU C 168 -12.77 -0.16 -6.44
CA LEU C 168 -12.32 1.17 -6.86
C LEU C 168 -13.03 1.56 -8.15
N ASN C 169 -13.30 0.56 -8.98
CA ASN C 169 -14.02 0.76 -10.22
C ASN C 169 -15.51 1.00 -9.97
N LYS C 170 -15.96 0.58 -8.78
CA LYS C 170 -17.35 0.73 -8.33
C LYS C 170 -18.25 -0.36 -8.92
N ASP C 171 -17.63 -1.47 -9.33
CA ASP C 171 -18.34 -2.65 -9.84
C ASP C 171 -19.43 -3.11 -8.88
N PRO C 172 -20.70 -2.75 -9.16
CA PRO C 172 -21.85 -3.01 -8.28
C PRO C 172 -21.98 -4.42 -7.68
N ALA C 173 -21.75 -5.49 -8.45
CA ALA C 173 -21.81 -6.84 -7.86
C ALA C 173 -20.91 -6.97 -6.63
N THR C 174 -19.88 -6.13 -6.62
CA THR C 174 -18.86 -6.12 -5.56
C THR C 174 -19.22 -5.11 -4.45
N VAL C 175 -19.52 -3.87 -4.85
CA VAL C 175 -20.06 -2.85 -3.94
C VAL C 175 -21.24 -3.40 -3.11
N THR C 176 -22.01 -4.31 -3.71
CA THR C 176 -22.98 -5.08 -2.96
C THR C 176 -22.28 -5.83 -1.85
N LYS C 177 -21.57 -6.90 -2.21
CA LYS C 177 -20.83 -7.74 -1.29
C LYS C 177 -20.36 -7.02 -0.03
N TYR C 178 -20.02 -5.73 -0.17
CA TYR C 178 -19.38 -4.94 0.89
C TYR C 178 -20.22 -3.79 1.47
N SER C 179 -21.43 -3.59 0.96
CA SER C 179 -22.30 -2.54 1.50
C SER C 179 -23.39 -3.12 2.44
N ASN C 180 -24.35 -2.29 2.82
CA ASN C 180 -25.50 -2.77 3.62
C ASN C 180 -26.14 -4.00 2.97
N PRO C 181 -26.36 -5.06 3.75
CA PRO C 181 -26.92 -6.32 3.21
C PRO C 181 -28.47 -6.38 3.02
N LEU C 182 -29.23 -5.47 3.63
CA LEU C 182 -30.68 -5.57 3.54
C LEU C 182 -31.24 -4.57 2.53
N GLY C 183 -32.33 -4.95 1.89
CA GLY C 183 -33.11 -4.06 1.03
C GLY C 183 -34.47 -3.81 1.66
N ASP C 184 -35.37 -4.79 1.49
CA ASP C 184 -36.65 -4.78 2.17
C ASP C 184 -36.47 -5.09 3.66
N LEU C 185 -36.52 -4.04 4.47
CA LEU C 185 -36.35 -4.16 5.92
C LEU C 185 -37.53 -4.91 6.52
N GLY C 186 -38.74 -4.51 6.12
CA GLY C 186 -39.95 -5.18 6.55
C GLY C 186 -39.90 -6.68 6.28
N ALA C 187 -39.56 -7.02 5.04
CA ALA C 187 -39.40 -8.42 4.63
C ALA C 187 -38.45 -9.20 5.53
N TYR C 188 -37.37 -8.55 5.97
CA TYR C 188 -36.41 -9.23 6.82
C TYR C 188 -36.99 -9.57 8.21
N LEU C 189 -37.67 -8.60 8.81
CA LEU C 189 -38.34 -8.79 10.10
C LEU C 189 -39.40 -9.90 10.03
N SER C 190 -40.13 -9.96 8.92
CA SER C 190 -41.11 -11.01 8.68
C SER C 190 -40.56 -12.43 8.88
N GLN C 191 -39.27 -12.64 8.57
CA GLN C 191 -38.68 -13.95 8.72
C GLN C 191 -38.31 -14.29 10.16
N LEU C 192 -38.12 -13.27 10.98
CA LEU C 192 -37.77 -13.49 12.39
C LEU C 192 -39.02 -13.68 13.23
N SER C 193 -38.97 -14.64 14.16
CA SER C 193 -40.06 -14.85 15.08
C SER C 193 -39.88 -13.93 16.27
N PRO C 194 -40.87 -13.86 17.17
CA PRO C 194 -40.63 -13.14 18.43
C PRO C 194 -39.37 -13.63 19.15
N GLN C 195 -39.03 -14.91 18.98
CA GLN C 195 -37.92 -15.52 19.70
C GLN C 195 -36.58 -15.19 19.08
N ASP C 196 -36.50 -15.36 17.77
CA ASP C 196 -35.31 -15.01 16.98
C ASP C 196 -34.90 -13.56 17.20
N LYS C 197 -35.89 -12.67 17.21
CA LYS C 197 -35.71 -11.26 17.58
C LYS C 197 -35.08 -11.15 18.97
N LEU C 198 -35.67 -11.84 19.94
CA LEU C 198 -35.15 -11.79 21.29
C LEU C 198 -33.72 -12.29 21.35
N ASN C 199 -33.45 -13.41 20.66
CA ASN C 199 -32.13 -14.06 20.69
C ASN C 199 -31.04 -13.13 20.23
N GLN C 200 -31.26 -12.48 19.07
CA GLN C 200 -30.36 -11.46 18.55
C GLN C 200 -30.03 -10.41 19.61
N ALA C 201 -31.07 -9.73 20.09
CA ALA C 201 -30.97 -8.75 21.18
C ALA C 201 -30.08 -9.18 22.35
N GLN C 202 -30.21 -10.44 22.74
CA GLN C 202 -29.45 -11.00 23.83
C GLN C 202 -28.02 -11.24 23.36
N THR C 203 -27.89 -11.70 22.12
CA THR C 203 -26.57 -11.93 21.54
C THR C 203 -25.80 -10.60 21.53
N LEU C 204 -26.44 -9.55 21.06
CA LEU C 204 -25.84 -8.21 21.00
C LEU C 204 -25.36 -7.74 22.34
N VAL C 205 -26.23 -7.78 23.33
CA VAL C 205 -26.04 -7.07 24.58
C VAL C 205 -25.30 -7.91 25.63
N GLY C 206 -25.36 -9.23 25.50
CA GLY C 206 -24.83 -10.15 26.49
C GLY C 206 -23.34 -10.43 26.45
N GLN C 207 -22.73 -10.16 25.29
CA GLN C 207 -21.30 -10.32 25.06
C GLN C 207 -20.45 -9.32 25.80
N PRO C 208 -19.23 -9.75 26.13
CA PRO C 208 -18.23 -8.76 26.54
C PRO C 208 -17.95 -7.83 25.36
N ILE C 209 -17.71 -6.56 25.63
CA ILE C 209 -17.34 -5.61 24.56
C ILE C 209 -16.09 -6.08 23.84
N SER C 210 -16.12 -5.90 22.52
CA SER C 210 -14.97 -6.15 21.67
C SER C 210 -14.12 -4.88 21.75
N THR C 211 -13.16 -4.89 22.66
CA THR C 211 -12.41 -3.69 22.97
C THR C 211 -10.95 -3.82 22.54
N LEU C 212 -10.32 -2.69 22.24
CA LEU C 212 -8.91 -2.69 21.83
C LEU C 212 -7.99 -2.48 23.03
N PHE C 213 -8.58 -2.26 24.19
CA PHE C 213 -7.81 -2.00 25.40
C PHE C 213 -8.27 -2.89 26.55
N PRO C 214 -8.38 -4.20 26.30
CA PRO C 214 -8.92 -5.11 27.31
C PRO C 214 -8.29 -4.91 28.69
N ASP C 215 -7.01 -4.60 28.73
CA ASP C 215 -6.29 -4.57 29.99
C ASP C 215 -6.33 -3.24 30.72
N ALA C 216 -7.00 -2.26 30.12
CA ALA C 216 -7.35 -1.05 30.84
C ALA C 216 -8.41 -1.35 31.93
N TYR C 217 -9.07 -2.50 31.82
CA TYR C 217 -10.07 -2.89 32.81
C TYR C 217 -9.49 -3.73 33.94
N PRO C 218 -9.95 -3.48 35.16
CA PRO C 218 -9.45 -4.10 36.39
C PRO C 218 -9.47 -5.62 36.29
N GLY C 219 -10.48 -6.13 35.61
CA GLY C 219 -10.61 -7.55 35.37
C GLY C 219 -10.95 -7.79 33.91
N ASN C 220 -11.82 -8.76 33.64
CA ASN C 220 -12.26 -8.96 32.26
C ASN C 220 -13.10 -7.78 31.79
N PRO C 221 -13.20 -7.61 30.46
CA PRO C 221 -13.96 -6.50 29.91
C PRO C 221 -15.44 -6.63 30.25
N PRO C 222 -16.12 -5.49 30.41
CA PRO C 222 -17.54 -5.42 30.74
C PRO C 222 -18.45 -5.96 29.64
N SER C 223 -19.69 -6.29 29.99
CA SER C 223 -20.67 -6.62 28.99
C SER C 223 -21.01 -5.35 28.23
N ARG C 224 -21.46 -5.51 27.00
CA ARG C 224 -21.94 -4.36 26.28
C ARG C 224 -23.09 -3.74 27.03
N ALA C 225 -23.98 -4.58 27.56
CA ALA C 225 -25.09 -4.15 28.38
C ALA C 225 -24.65 -3.19 29.47
N LYS C 226 -23.64 -3.59 30.24
CA LYS C 226 -23.10 -2.74 31.27
C LYS C 226 -22.72 -1.39 30.68
N VAL C 227 -22.12 -1.41 29.48
CA VAL C 227 -21.59 -0.18 28.89
C VAL C 227 -22.71 0.72 28.39
N MET C 228 -23.72 0.13 27.78
CA MET C 228 -24.94 0.84 27.35
C MET C 228 -25.73 1.48 28.50
N SER C 229 -25.86 0.76 29.61
CA SER C 229 -26.41 1.29 30.84
C SER C 229 -25.70 2.57 31.22
N ALA C 230 -24.38 2.50 31.25
CA ALA C 230 -23.54 3.60 31.72
C ALA C 230 -23.68 4.82 30.81
N ALA C 231 -23.87 4.55 29.52
CA ALA C 231 -23.91 5.60 28.52
C ALA C 231 -25.31 6.22 28.51
N ALA C 232 -26.31 5.38 28.78
CA ALA C 232 -27.66 5.88 28.98
C ALA C 232 -27.69 6.88 30.13
N ARG C 233 -27.15 6.50 31.28
CA ARG C 233 -27.05 7.41 32.43
C ARG C 233 -26.42 8.76 32.08
N LYS C 234 -25.30 8.74 31.35
CA LYS C 234 -24.58 9.96 31.05
C LYS C 234 -25.38 10.92 30.19
N TYR C 235 -26.22 10.40 29.32
CA TYR C 235 -26.87 11.24 28.32
C TYR C 235 -28.40 11.30 28.44
N ASP C 236 -28.88 10.91 29.60
CA ASP C 236 -30.31 10.91 29.85
C ASP C 236 -31.07 10.14 28.77
N LEU C 237 -30.55 8.96 28.44
CA LEU C 237 -31.25 8.07 27.53
C LEU C 237 -31.63 6.84 28.33
N THR C 238 -32.08 5.81 27.64
CA THR C 238 -32.28 4.51 28.26
C THR C 238 -31.46 3.50 27.49
N PRO C 239 -30.94 2.48 28.17
CA PRO C 239 -30.18 1.44 27.46
C PRO C 239 -31.02 0.69 26.41
N GLN C 240 -32.34 0.84 26.44
CA GLN C 240 -33.20 0.13 25.51
C GLN C 240 -33.26 0.92 24.23
N LEU C 241 -33.30 2.25 24.36
CA LEU C 241 -33.21 3.11 23.18
C LEU C 241 -31.93 2.82 22.40
N ILE C 242 -30.80 2.85 23.11
CA ILE C 242 -29.47 2.70 22.54
C ILE C 242 -29.36 1.37 21.82
N GLY C 243 -29.75 0.31 22.52
CA GLY C 243 -29.72 -1.02 21.96
C GLY C 243 -30.57 -1.15 20.72
N ALA C 244 -31.69 -0.44 20.68
CA ALA C 244 -32.59 -0.53 19.54
C ALA C 244 -31.89 0.11 18.35
N ILE C 245 -31.26 1.25 18.59
CA ILE C 245 -30.55 1.93 17.51
C ILE C 245 -29.47 0.99 16.94
N ILE C 246 -28.68 0.39 17.84
CA ILE C 246 -27.56 -0.45 17.45
C ILE C 246 -27.95 -1.76 16.80
N LEU C 247 -28.99 -2.40 17.34
CA LEU C 247 -29.51 -3.66 16.79
C LEU C 247 -30.02 -3.41 15.38
N ALA C 248 -30.78 -2.34 15.20
CA ALA C 248 -31.15 -1.90 13.86
C ALA C 248 -29.92 -1.83 12.93
N GLU C 249 -28.87 -1.12 13.35
CA GLU C 249 -27.60 -1.05 12.60
C GLU C 249 -26.96 -2.41 12.40
N GLN C 250 -26.90 -3.24 13.43
CA GLN C 250 -26.23 -4.53 13.28
C GLN C 250 -27.01 -5.54 12.45
N ARG C 251 -28.29 -5.31 12.26
CA ARG C 251 -29.06 -6.18 11.38
C ARG C 251 -28.63 -5.87 9.96
N ASP C 252 -28.56 -4.58 9.65
CA ASP C 252 -28.04 -4.09 8.38
C ASP C 252 -26.50 -3.97 8.40
N GLN C 253 -25.81 -5.02 8.85
CA GLN C 253 -24.36 -5.05 8.84
C GLN C 253 -23.88 -6.48 8.61
N THR C 254 -22.88 -6.65 7.75
CA THR C 254 -22.26 -7.95 7.54
C THR C 254 -20.82 -7.88 7.98
N ARG C 255 -20.18 -9.03 8.11
CA ARG C 255 -18.75 -9.12 8.40
C ARG C 255 -17.87 -8.42 7.35
N ASP C 256 -18.18 -8.64 6.08
CA ASP C 256 -17.48 -7.95 5.02
C ASP C 256 -17.69 -6.44 5.12
N GLU C 257 -18.87 -6.01 5.53
CA GLU C 257 -19.12 -4.57 5.59
C GLU C 257 -18.28 -3.93 6.69
N ASP C 258 -17.97 -4.71 7.72
CA ASP C 258 -17.12 -4.25 8.81
C ASP C 258 -15.70 -4.04 8.29
N ALA C 259 -15.18 -5.06 7.62
CA ALA C 259 -13.92 -4.99 6.90
C ALA C 259 -13.87 -3.74 6.04
N LYS C 260 -14.79 -3.60 5.08
CA LYS C 260 -14.78 -2.41 4.24
C LYS C 260 -14.90 -1.13 5.07
N ASP C 261 -15.70 -1.18 6.12
CA ASP C 261 -15.96 0.02 6.91
C ASP C 261 -14.64 0.59 7.38
N TYR C 262 -13.85 -0.27 8.02
CA TYR C 262 -12.60 0.13 8.66
C TYR C 262 -11.45 0.38 7.69
N GLN C 263 -11.23 -0.57 6.78
CA GLN C 263 -10.11 -0.51 5.88
C GLN C 263 -10.15 0.67 4.92
N ALA C 264 -11.35 1.11 4.56
CA ALA C 264 -11.50 2.28 3.69
C ALA C 264 -11.20 3.58 4.44
N ALA C 265 -11.28 3.54 5.77
CA ALA C 265 -11.08 4.72 6.58
C ALA C 265 -9.60 4.94 6.90
N VAL C 266 -8.80 3.87 6.83
CA VAL C 266 -7.40 3.97 7.17
C VAL C 266 -6.48 3.75 5.95
N SER C 267 -7.10 3.49 4.80
CA SER C 267 -6.40 3.44 3.54
C SER C 267 -6.10 4.86 3.11
N ILE C 268 -5.38 4.99 2.00
CA ILE C 268 -5.01 6.28 1.44
C ILE C 268 -6.21 7.23 1.33
N LYS C 269 -7.34 6.68 0.92
CA LYS C 269 -8.55 7.46 0.67
C LYS C 269 -9.06 8.21 1.89
N SER C 270 -8.75 7.70 3.08
CA SER C 270 -9.26 8.28 4.32
C SER C 270 -10.77 8.51 4.24
N ALA C 271 -11.50 7.44 3.92
CA ALA C 271 -12.95 7.52 3.70
C ALA C 271 -13.74 7.98 4.92
N ASN C 272 -14.92 8.52 4.67
CA ASN C 272 -15.79 8.98 5.74
C ASN C 272 -16.90 7.95 6.00
N THR C 273 -16.49 6.69 6.16
CA THR C 273 -17.44 5.60 6.39
C THR C 273 -18.10 5.62 7.80
N SER C 274 -19.19 4.87 7.94
CA SER C 274 -19.84 4.69 9.22
C SER C 274 -19.35 3.36 9.80
N ILE C 275 -18.87 3.40 11.05
CA ILE C 275 -18.09 2.30 11.62
C ILE C 275 -18.61 1.76 12.95
N GLY C 276 -18.45 0.45 13.14
CA GLY C 276 -18.65 -0.15 14.44
C GLY C 276 -20.10 -0.38 14.83
N LEU C 277 -20.31 -0.74 16.10
CA LEU C 277 -21.63 -1.06 16.62
C LEU C 277 -22.70 -0.11 16.12
N GLY C 278 -22.60 1.16 16.48
CA GLY C 278 -23.62 2.14 16.19
C GLY C 278 -23.51 2.82 14.83
N GLN C 279 -22.59 2.35 14.00
CA GLN C 279 -22.35 2.98 12.70
C GLN C 279 -22.17 4.49 12.76
N VAL C 280 -21.16 4.90 13.52
CA VAL C 280 -20.82 6.28 13.65
C VAL C 280 -19.94 6.64 12.46
N VAL C 281 -20.20 7.81 11.88
CA VAL C 281 -19.44 8.31 10.73
C VAL C 281 -18.19 9.07 11.22
N VAL C 282 -17.03 8.77 10.65
CA VAL C 282 -15.77 9.31 11.16
C VAL C 282 -15.78 10.84 11.38
N SER C 283 -16.09 11.60 10.34
CA SER C 283 -16.10 13.07 10.44
C SER C 283 -17.07 13.60 11.50
N THR C 284 -18.14 12.86 11.70
CA THR C 284 -19.15 13.21 12.69
C THR C 284 -18.64 12.96 14.11
N ALA C 285 -17.90 11.87 14.27
CA ALA C 285 -17.21 11.60 15.52
C ALA C 285 -16.37 12.82 15.90
N ILE C 286 -15.50 13.24 14.97
CA ILE C 286 -14.62 14.37 15.19
C ILE C 286 -15.41 15.66 15.34
N LYS C 287 -16.28 15.94 14.39
CA LYS C 287 -17.07 17.17 14.45
C LYS C 287 -17.83 17.37 15.76
N TYR C 288 -18.44 16.33 16.30
CA TYR C 288 -19.22 16.48 17.53
C TYR C 288 -18.53 15.98 18.80
N GLU C 289 -17.23 15.67 18.65
CA GLU C 289 -16.38 15.27 19.76
C GLU C 289 -16.96 14.10 20.57
N LEU C 290 -17.28 13.02 19.89
CA LEU C 290 -18.12 11.98 20.47
C LEU C 290 -17.42 11.12 21.53
N PHE C 291 -16.11 11.32 21.70
CA PHE C 291 -15.41 10.63 22.77
C PHE C 291 -15.25 11.48 24.03
N THR C 292 -15.82 12.68 24.04
CA THR C 292 -15.63 13.65 25.12
C THR C 292 -15.63 13.01 26.51
N ASP C 293 -16.53 12.07 26.75
CA ASP C 293 -16.76 11.59 28.10
C ASP C 293 -15.83 10.45 28.55
N LEU C 294 -15.01 9.98 27.62
CA LEU C 294 -14.05 8.93 27.91
C LEU C 294 -12.60 9.41 27.79
N LEU C 295 -12.38 10.48 27.03
CA LEU C 295 -11.02 10.96 26.80
C LEU C 295 -10.86 12.45 27.07
N GLY C 296 -9.82 12.80 27.82
CA GLY C 296 -9.50 14.19 28.07
C GLY C 296 -9.33 14.97 26.79
N GLN C 297 -9.44 16.29 26.91
CA GLN C 297 -9.28 17.16 25.76
C GLN C 297 -7.89 17.02 25.14
N PRO C 298 -6.84 17.07 25.96
CA PRO C 298 -5.46 16.95 25.47
C PRO C 298 -5.30 15.75 24.54
N VAL C 299 -5.74 14.59 25.01
CA VAL C 299 -5.60 13.34 24.26
C VAL C 299 -6.36 13.37 22.94
N ARG C 300 -7.62 13.79 22.99
CA ARG C 300 -8.44 13.89 21.78
C ARG C 300 -7.82 14.81 20.72
N ARG C 301 -7.24 15.93 21.16
CA ARG C 301 -6.62 16.87 20.23
C ARG C 301 -5.56 16.19 19.34
N GLY C 302 -4.77 15.30 19.93
CA GLY C 302 -3.67 14.69 19.22
C GLY C 302 -4.09 13.56 18.30
N LEU C 303 -5.35 13.13 18.41
CA LEU C 303 -5.80 11.97 17.66
C LEU C 303 -5.85 12.22 16.17
N SER C 304 -5.10 11.43 15.41
CA SER C 304 -5.22 11.49 13.97
C SER C 304 -6.63 11.12 13.56
N ARG C 305 -6.98 11.37 12.31
CA ARG C 305 -8.24 10.89 11.78
C ARG C 305 -8.26 9.37 11.88
N LYS C 306 -7.19 8.71 11.43
CA LYS C 306 -7.15 7.24 11.41
C LYS C 306 -7.20 6.61 12.80
N ALA C 307 -6.86 7.38 13.83
CA ALA C 307 -6.87 6.83 15.18
C ALA C 307 -8.31 6.83 15.66
N VAL C 308 -9.00 7.92 15.38
CA VAL C 308 -10.43 8.04 15.62
C VAL C 308 -11.22 6.93 14.94
N ALA C 309 -10.89 6.63 13.70
CA ALA C 309 -11.58 5.54 13.01
C ALA C 309 -11.29 4.19 13.67
N THR C 310 -10.16 4.06 14.32
CA THR C 310 -9.84 2.80 14.99
C THR C 310 -10.60 2.73 16.33
N LEU C 311 -10.67 3.86 17.01
CA LEU C 311 -11.42 3.93 18.24
C LEU C 311 -12.89 3.58 18.06
N LEU C 312 -13.44 3.85 16.87
CA LEU C 312 -14.85 3.56 16.62
C LEU C 312 -15.06 2.07 16.45
N ALA C 313 -13.98 1.33 16.27
CA ALA C 313 -14.06 -0.11 16.13
C ALA C 313 -13.80 -0.77 17.46
N SER C 314 -13.68 0.03 18.50
CA SER C 314 -13.66 -0.46 19.85
C SER C 314 -15.04 -0.24 20.49
N ASP C 315 -15.67 -1.32 20.96
CA ASP C 315 -17.07 -1.28 21.38
C ASP C 315 -17.46 -0.20 22.39
N GLU C 316 -16.72 -0.07 23.48
CA GLU C 316 -17.06 0.96 24.45
C GLU C 316 -17.01 2.37 23.85
N PHE C 317 -15.97 2.67 23.08
CA PHE C 317 -15.86 3.97 22.43
C PHE C 317 -17.02 4.22 21.47
N ASN C 318 -17.43 3.19 20.73
CA ASN C 318 -18.56 3.32 19.81
C ASN C 318 -19.91 3.48 20.52
N ILE C 319 -20.13 2.68 21.57
CA ILE C 319 -21.32 2.83 22.37
C ILE C 319 -21.43 4.26 22.92
N PHE C 320 -20.40 4.75 23.59
CA PHE C 320 -20.48 6.12 24.10
C PHE C 320 -20.64 7.16 22.99
N ALA C 321 -19.96 6.95 21.87
CA ALA C 321 -20.09 7.84 20.71
C ALA C 321 -21.52 7.83 20.18
N THR C 322 -22.08 6.63 20.04
CA THR C 322 -23.47 6.48 19.63
C THR C 322 -24.44 7.17 20.59
N ALA C 323 -24.31 6.91 21.89
CA ALA C 323 -25.19 7.52 22.88
C ALA C 323 -25.09 9.03 22.80
N ARG C 324 -23.89 9.58 22.84
CA ARG C 324 -23.75 11.03 22.82
C ARG C 324 -24.35 11.70 21.58
N TYR C 325 -24.26 11.04 20.44
CA TYR C 325 -24.82 11.56 19.22
C TYR C 325 -26.33 11.47 19.18
N ILE C 326 -26.88 10.40 19.74
CA ILE C 326 -28.32 10.30 19.91
C ILE C 326 -28.84 11.46 20.77
N ARG C 327 -28.21 11.67 21.93
CA ARG C 327 -28.60 12.78 22.79
C ARG C 327 -28.40 14.08 22.05
N TYR C 328 -27.45 14.12 21.11
CA TYR C 328 -27.31 15.29 20.26
C TYR C 328 -28.57 15.47 19.42
N VAL C 329 -28.87 14.49 18.57
CA VAL C 329 -30.04 14.52 17.67
C VAL C 329 -31.34 14.89 18.38
N ALA C 330 -31.62 14.23 19.51
CA ALA C 330 -32.79 14.53 20.31
C ALA C 330 -32.81 15.98 20.74
N ASN C 331 -31.68 16.46 21.27
CA ASN C 331 -31.51 17.85 21.67
C ASN C 331 -31.76 18.83 20.52
N LEU C 332 -31.11 18.58 19.39
CA LEU C 332 -31.26 19.42 18.21
C LEU C 332 -32.72 19.57 17.81
N ALA C 333 -33.51 18.55 18.14
CA ALA C 333 -34.92 18.52 17.74
C ALA C 333 -35.77 19.31 18.70
N SER C 334 -35.31 19.42 19.95
CA SER C 334 -36.07 20.14 20.95
C SER C 334 -36.14 21.63 20.58
N GLN C 335 -35.08 22.11 19.92
CA GLN C 335 -35.00 23.51 19.53
C GLN C 335 -35.73 23.82 18.21
N GLN C 336 -36.19 22.78 17.53
CA GLN C 336 -36.91 22.95 16.26
C GLN C 336 -38.38 23.38 16.43
N ASP C 337 -38.92 23.95 15.35
CA ASP C 337 -40.32 24.37 15.29
C ASP C 337 -41.12 23.47 14.34
N LEU C 338 -42.09 22.75 14.92
CA LEU C 338 -42.80 21.69 14.20
C LEU C 338 -43.55 22.18 12.95
N ARG C 339 -43.95 23.46 12.97
CA ARG C 339 -44.62 24.08 11.83
C ARG C 339 -43.74 24.03 10.60
N LYS C 340 -42.45 24.27 10.79
CA LYS C 340 -41.49 24.31 9.69
C LYS C 340 -41.10 22.90 9.27
N LEU C 341 -41.69 21.92 9.93
CA LEU C 341 -41.40 20.52 9.64
C LEU C 341 -42.68 19.76 9.31
N PRO C 342 -43.24 20.03 8.13
CA PRO C 342 -44.54 19.49 7.67
C PRO C 342 -44.54 17.98 7.46
N LYS C 343 -43.53 17.47 6.73
CA LYS C 343 -43.45 16.05 6.40
C LYS C 343 -43.20 15.22 7.63
N THR C 344 -42.47 15.80 8.58
CA THR C 344 -42.20 15.11 9.82
C THR C 344 -43.51 14.92 10.62
N ARG C 345 -44.25 16.00 10.83
CA ARG C 345 -45.53 15.93 11.50
C ARG C 345 -46.46 14.97 10.76
N GLY C 346 -46.35 14.96 9.44
CA GLY C 346 -47.13 14.05 8.62
C GLY C 346 -46.88 12.58 8.95
N ALA C 347 -45.61 12.22 8.99
CA ALA C 347 -45.17 10.84 9.20
C ALA C 347 -45.24 10.34 10.66
N PHE C 348 -45.17 11.25 11.62
CA PHE C 348 -45.21 10.89 13.03
C PHE C 348 -46.06 11.90 13.77
N PRO C 349 -47.38 11.81 13.58
CA PRO C 349 -48.33 12.82 14.07
C PRO C 349 -48.22 13.07 15.58
N SER C 350 -47.80 12.05 16.32
CA SER C 350 -47.73 12.16 17.78
C SER C 350 -46.39 12.75 18.25
N ILE C 351 -45.46 12.94 17.33
CA ILE C 351 -44.16 13.50 17.69
C ILE C 351 -44.28 14.67 18.68
N ASP C 352 -43.32 14.79 19.59
CA ASP C 352 -43.38 15.80 20.64
C ASP C 352 -42.01 16.44 20.93
N LEU C 353 -41.69 17.47 20.15
CA LEU C 353 -40.37 18.11 20.18
C LEU C 353 -39.87 18.49 21.58
N ARG C 354 -40.77 18.94 22.43
CA ARG C 354 -40.32 19.36 23.75
C ARG C 354 -39.78 18.15 24.54
N ALA C 355 -40.52 17.04 24.52
CA ALA C 355 -40.17 15.86 25.30
C ALA C 355 -38.75 15.34 25.02
N TYR C 356 -38.26 15.55 23.79
CA TYR C 356 -36.92 15.12 23.41
C TYR C 356 -35.85 15.66 24.36
N ALA C 357 -36.11 16.80 24.98
CA ALA C 357 -35.12 17.41 25.86
C ALA C 357 -34.81 16.47 27.03
N GLY C 358 -35.77 15.60 27.36
CA GLY C 358 -35.64 14.73 28.51
C GLY C 358 -35.54 13.25 28.17
N ASN C 359 -35.85 12.41 29.15
CA ASN C 359 -35.66 10.97 29.05
C ASN C 359 -36.62 10.29 28.09
N PRO C 360 -36.13 9.31 27.31
CA PRO C 360 -36.91 8.50 26.37
C PRO C 360 -38.09 7.78 27.01
N ARG C 361 -38.10 7.60 28.32
CA ARG C 361 -39.23 6.94 28.99
C ARG C 361 -40.49 7.82 28.89
N ASN C 362 -40.27 9.13 28.89
CA ASN C 362 -41.34 10.09 28.72
C ASN C 362 -41.48 10.56 27.27
N TRP C 363 -41.05 9.71 26.32
CA TRP C 363 -41.22 10.00 24.89
C TRP C 363 -42.35 9.15 24.34
N PRO C 364 -43.15 9.77 23.46
CA PRO C 364 -44.11 9.06 22.62
C PRO C 364 -43.33 8.13 21.71
N ARG C 365 -43.94 7.01 21.35
CA ARG C 365 -43.29 6.09 20.45
C ARG C 365 -42.95 6.72 19.10
N ASP C 366 -43.61 7.82 18.75
CA ASP C 366 -43.32 8.49 17.48
C ASP C 366 -42.04 9.31 17.58
N ASN C 367 -41.64 9.66 18.78
CA ASN C 367 -40.36 10.32 18.95
C ASN C 367 -39.19 9.37 18.66
N VAL C 368 -39.34 8.10 19.01
CA VAL C 368 -38.33 7.12 18.70
C VAL C 368 -38.31 6.90 17.21
N ARG C 369 -39.48 6.66 16.63
CA ARG C 369 -39.58 6.43 15.21
C ARG C 369 -38.96 7.54 14.40
N ALA C 370 -39.23 8.78 14.80
CA ALA C 370 -38.70 9.92 14.05
C ALA C 370 -37.20 10.04 14.24
N LEU C 371 -36.75 9.82 15.47
CA LEU C 371 -35.33 9.93 15.73
C LEU C 371 -34.57 8.86 14.92
N ALA C 372 -35.16 7.67 14.79
CA ALA C 372 -34.60 6.61 13.94
C ALA C 372 -34.34 7.08 12.49
N SER C 373 -35.29 7.78 11.91
CA SER C 373 -35.11 8.34 10.61
C SER C 373 -33.92 9.26 10.67
N GLU C 374 -33.95 10.13 11.67
CA GLU C 374 -33.02 11.22 11.74
C GLU C 374 -31.68 10.81 12.33
N TYR C 375 -31.43 9.50 12.36
CA TYR C 375 -30.15 8.96 12.83
C TYR C 375 -29.44 8.30 11.66
N THR C 376 -30.20 7.54 10.89
CA THR C 376 -29.70 6.95 9.65
C THR C 376 -29.51 8.01 8.55
N SER C 377 -29.99 9.23 8.80
CA SER C 377 -29.88 10.32 7.84
C SER C 377 -29.83 11.69 8.50
N ARG C 378 -29.82 12.74 7.69
CA ARG C 378 -29.59 14.11 8.16
C ARG C 378 -30.63 14.54 9.19
N PRO C 379 -30.18 15.06 10.32
CA PRO C 379 -31.14 15.34 11.40
C PRO C 379 -32.03 16.54 11.09
N TRP C 380 -33.35 16.30 10.99
CA TRP C 380 -34.38 17.36 10.96
C TRP C 380 -34.35 18.26 9.73
N ASP C 381 -34.13 17.64 8.57
CA ASP C 381 -34.13 18.30 7.29
C ASP C 381 -35.47 18.10 6.59
N ASP C 382 -36.44 17.55 7.32
CA ASP C 382 -37.76 17.19 6.76
C ASP C 382 -37.71 16.12 5.68
N ASN C 383 -36.54 15.53 5.46
CA ASN C 383 -36.41 14.34 4.61
C ASN C 383 -36.31 13.11 5.48
N LEU C 384 -37.23 12.18 5.32
CA LEU C 384 -37.32 11.05 6.24
C LEU C 384 -36.95 9.73 5.57
N SER C 385 -36.36 8.84 6.33
CA SER C 385 -36.20 7.48 5.86
C SER C 385 -37.57 6.80 5.92
N PRO C 386 -37.98 6.13 4.83
CA PRO C 386 -39.31 5.50 4.81
C PRO C 386 -39.37 4.19 5.60
N GLY C 387 -38.24 3.51 5.73
CA GLY C 387 -38.24 2.16 6.24
C GLY C 387 -37.50 2.00 7.55
N TRP C 388 -36.70 2.99 7.93
CA TRP C 388 -35.89 2.82 9.11
C TRP C 388 -36.71 2.99 10.40
N PRO C 389 -37.63 3.94 10.43
CA PRO C 389 -38.40 4.07 11.66
C PRO C 389 -39.13 2.79 12.09
N MET C 390 -39.81 2.08 11.19
CA MET C 390 -40.45 0.83 11.62
C MET C 390 -39.42 -0.21 12.04
N PHE C 391 -38.21 -0.10 11.48
CA PHE C 391 -37.15 -1.07 11.69
C PHE C 391 -36.47 -0.91 13.05
N VAL C 392 -36.25 0.34 13.45
CA VAL C 392 -35.69 0.64 14.76
C VAL C 392 -36.77 0.42 15.82
N ASP C 393 -38.01 0.74 15.43
CA ASP C 393 -39.17 0.66 16.31
C ASP C 393 -39.42 -0.76 16.74
N ASP C 394 -39.20 -1.71 15.84
CA ASP C 394 -39.38 -3.12 16.14
C ASP C 394 -38.36 -3.58 17.17
N ALA C 395 -37.12 -3.18 16.95
CA ALA C 395 -36.05 -3.55 17.85
C ALA C 395 -36.32 -3.00 19.25
N TYR C 396 -36.90 -1.80 19.31
CA TYR C 396 -37.24 -1.15 20.57
C TYR C 396 -38.30 -1.95 21.30
N ALA C 397 -39.34 -2.37 20.57
CA ALA C 397 -40.33 -3.27 21.14
C ALA C 397 -39.64 -4.44 21.82
N THR C 398 -38.75 -5.11 21.09
CA THR C 398 -38.05 -6.28 21.64
C THR C 398 -37.33 -5.98 22.95
N PHE C 399 -36.77 -4.78 23.08
CA PHE C 399 -36.00 -4.40 24.25
C PHE C 399 -36.90 -3.95 25.40
N LEU C 400 -38.01 -3.30 25.05
CA LEU C 400 -38.97 -2.86 26.06
C LEU C 400 -39.70 -4.05 26.65
N ASP C 401 -40.57 -4.64 25.84
CA ASP C 401 -41.30 -5.82 26.26
C ASP C 401 -42.36 -5.52 27.34
N MET D 4 -43.88 2.94 -18.51
CA MET D 4 -42.82 2.65 -19.48
C MET D 4 -42.27 3.92 -20.17
N THR D 5 -43.18 4.79 -20.59
CA THR D 5 -42.85 6.06 -21.23
C THR D 5 -43.90 7.08 -20.83
N LEU D 6 -43.51 8.04 -20.01
CA LEU D 6 -44.43 9.03 -19.47
C LEU D 6 -44.46 10.28 -20.32
N THR D 7 -45.67 10.81 -20.54
CA THR D 7 -45.81 12.01 -21.35
C THR D 7 -46.64 13.07 -20.64
N HIS D 8 -45.97 14.09 -20.12
CA HIS D 8 -46.64 15.22 -19.46
C HIS D 8 -47.33 16.07 -20.54
N PRO D 9 -48.41 16.78 -20.14
CA PRO D 9 -49.14 17.66 -21.08
C PRO D 9 -48.35 18.89 -21.55
N ASN D 10 -47.24 19.22 -20.90
CA ASN D 10 -46.41 20.35 -21.33
C ASN D 10 -45.27 19.95 -22.25
N GLY D 11 -45.28 18.69 -22.67
CA GLY D 11 -44.34 18.22 -23.67
C GLY D 11 -43.30 17.24 -23.17
N LEU D 12 -42.98 17.35 -21.88
CA LEU D 12 -41.97 16.50 -21.28
C LEU D 12 -42.27 15.00 -21.43
N VAL D 13 -41.40 14.29 -22.14
CA VAL D 13 -41.50 12.83 -22.19
C VAL D 13 -40.20 12.18 -21.70
N VAL D 14 -40.32 11.40 -20.63
CA VAL D 14 -39.18 10.72 -20.02
C VAL D 14 -39.45 9.21 -19.97
N GLU D 15 -38.39 8.42 -19.81
CA GLU D 15 -38.52 6.98 -19.55
C GLU D 15 -38.52 6.74 -18.03
N ARG D 16 -39.53 6.04 -17.52
CA ARG D 16 -39.59 5.76 -16.09
C ARG D 16 -38.58 4.71 -15.65
N PRO D 17 -37.75 5.07 -14.68
CA PRO D 17 -36.75 4.16 -14.11
C PRO D 17 -37.45 2.91 -13.62
N VAL D 18 -36.96 1.74 -14.01
CA VAL D 18 -37.55 0.50 -13.54
C VAL D 18 -37.44 0.40 -12.02
N GLY D 19 -38.53 -0.01 -11.36
CA GLY D 19 -38.55 -0.14 -9.92
C GLY D 19 -38.84 1.11 -9.11
N PHE D 20 -39.49 2.09 -9.74
CA PHE D 20 -39.83 3.35 -9.04
C PHE D 20 -41.32 3.68 -9.15
N ASP D 21 -41.79 4.45 -8.18
CA ASP D 21 -43.16 4.97 -8.21
C ASP D 21 -43.22 6.25 -9.01
N ALA D 22 -43.86 6.19 -10.18
CA ALA D 22 -44.14 7.38 -11.00
C ALA D 22 -45.30 8.22 -10.45
N ARG D 23 -45.09 9.53 -10.36
CA ARG D 23 -46.13 10.46 -9.89
C ARG D 23 -45.97 11.85 -10.51
N ARG D 24 -46.83 12.22 -11.46
CA ARG D 24 -46.67 13.49 -12.18
C ARG D 24 -46.90 14.73 -11.32
N SER D 25 -45.88 15.60 -11.27
CA SER D 25 -45.95 16.86 -10.55
C SER D 25 -46.47 17.97 -11.47
N ALA D 26 -46.44 19.21 -10.97
CA ALA D 26 -46.87 20.36 -11.75
C ALA D 26 -46.14 20.44 -13.10
N GLU D 27 -44.82 20.63 -13.03
CA GLU D 27 -44.00 20.85 -14.23
C GLU D 27 -43.47 19.57 -14.84
N GLY D 28 -43.59 18.44 -14.14
CA GLY D 28 -43.10 17.19 -14.69
C GLY D 28 -43.44 15.90 -13.98
N PHE D 29 -42.40 15.23 -13.48
CA PHE D 29 -42.60 13.98 -12.76
C PHE D 29 -41.70 13.91 -11.52
N ARG D 30 -41.95 12.92 -10.68
CA ARG D 30 -41.22 12.72 -9.43
C ARG D 30 -41.21 11.24 -9.11
N PHE D 31 -40.03 10.65 -9.07
CA PHE D 31 -39.90 9.21 -8.86
C PHE D 31 -39.34 8.89 -7.49
N ASP D 32 -40.06 8.10 -6.71
CA ASP D 32 -39.55 7.62 -5.43
C ASP D 32 -39.35 6.12 -5.50
N GLU D 33 -38.22 5.65 -4.98
CA GLU D 33 -37.82 4.25 -5.14
C GLU D 33 -38.76 3.30 -4.41
N GLY D 34 -39.15 2.23 -5.09
CA GLY D 34 -40.14 1.30 -4.57
C GLY D 34 -39.68 0.52 -3.35
N GLY D 35 -40.61 0.30 -2.42
CA GLY D 35 -40.29 -0.41 -1.19
C GLY D 35 -40.18 0.48 0.03
N LYS D 36 -39.95 -0.15 1.18
CA LYS D 36 -39.76 0.54 2.43
C LYS D 36 -38.30 0.43 2.76
N LEU D 37 -37.49 1.20 2.04
CA LEU D 37 -36.05 1.08 2.15
C LEU D 37 -35.50 2.06 3.17
N ARG D 38 -34.31 1.74 3.66
CA ARG D 38 -33.57 2.59 4.56
C ARG D 38 -33.06 3.82 3.84
N ASN D 39 -32.50 3.60 2.65
CA ASN D 39 -31.88 4.65 1.86
C ASN D 39 -32.39 4.60 0.42
N PRO D 40 -33.57 5.18 0.21
CA PRO D 40 -34.24 5.20 -1.11
C PRO D 40 -33.80 6.39 -1.97
N ARG D 41 -33.70 6.13 -3.27
CA ARG D 41 -33.32 7.17 -4.21
C ARG D 41 -34.53 8.03 -4.56
N GLN D 42 -34.36 9.34 -4.53
CA GLN D 42 -35.41 10.26 -4.98
C GLN D 42 -34.99 11.02 -6.25
N LEU D 43 -35.71 10.81 -7.34
CA LEU D 43 -35.43 11.44 -8.63
C LEU D 43 -36.51 12.47 -8.96
N GLU D 44 -36.24 13.39 -9.88
CA GLU D 44 -37.23 14.41 -10.23
C GLU D 44 -36.96 15.16 -11.55
N VAL D 45 -37.75 14.89 -12.58
CA VAL D 45 -37.64 15.63 -13.85
C VAL D 45 -38.75 16.66 -13.95
N GLN D 46 -38.42 17.81 -14.52
CA GLN D 46 -39.41 18.84 -14.76
C GLN D 46 -38.99 19.66 -15.98
N ARG D 47 -39.91 20.48 -16.48
CA ARG D 47 -39.61 21.37 -17.60
C ARG D 47 -39.55 22.79 -17.06
N GLN D 48 -38.87 23.70 -17.77
CA GLN D 48 -38.86 25.11 -17.38
C GLN D 48 -38.26 26.08 -18.41
N ASP D 49 -38.84 27.27 -18.48
CA ASP D 49 -38.39 28.30 -19.43
C ASP D 49 -37.07 28.95 -18.99
N ALA D 50 -36.96 29.23 -17.69
CA ALA D 50 -35.75 29.83 -17.11
C ALA D 50 -34.49 29.03 -17.41
N PRO D 51 -33.32 29.70 -17.43
CA PRO D 51 -32.03 29.00 -17.52
C PRO D 51 -31.56 28.52 -16.14
N PRO D 52 -30.46 27.76 -16.09
CA PRO D 52 -29.89 27.24 -14.83
C PRO D 52 -29.35 28.36 -13.93
N PRO D 53 -29.07 28.05 -12.65
CA PRO D 53 -28.38 29.06 -11.82
C PRO D 53 -27.00 29.38 -12.38
N PRO D 54 -26.58 30.65 -12.25
CA PRO D 54 -25.38 31.15 -12.94
C PRO D 54 -24.15 30.40 -12.47
N ASP D 55 -23.24 30.03 -13.37
CA ASP D 55 -22.06 29.23 -12.99
C ASP D 55 -22.46 27.85 -12.45
N LEU D 56 -22.18 26.82 -13.23
CA LEU D 56 -22.27 25.45 -12.75
C LEU D 56 -21.45 24.64 -13.72
N ALA D 57 -20.63 23.74 -13.19
CA ALA D 57 -19.93 22.76 -14.00
C ALA D 57 -20.69 22.41 -15.28
N SER D 58 -19.95 22.24 -16.39
CA SER D 58 -20.54 21.64 -17.59
C SER D 58 -20.03 20.21 -17.80
N ARG D 59 -20.66 19.52 -18.75
CA ARG D 59 -20.19 18.23 -19.20
C ARG D 59 -21.09 17.83 -20.34
N ARG D 60 -20.52 17.19 -21.36
CA ARG D 60 -21.31 16.65 -22.45
C ARG D 60 -22.21 15.60 -21.81
N LEU D 61 -23.48 15.60 -22.21
CA LEU D 61 -24.43 14.58 -21.79
C LEU D 61 -24.94 13.92 -23.06
N GLY D 62 -24.21 12.91 -23.53
CA GLY D 62 -24.46 12.35 -24.84
C GLY D 62 -24.11 13.32 -25.96
N ASP D 63 -25.16 13.88 -26.58
CA ASP D 63 -25.00 14.72 -27.76
C ASP D 63 -25.18 16.20 -27.44
N GLY D 64 -25.40 16.52 -26.17
CA GLY D 64 -25.67 17.89 -25.75
C GLY D 64 -24.89 18.26 -24.51
N GLU D 65 -25.15 19.44 -23.96
CA GLU D 65 -24.52 19.85 -22.70
C GLU D 65 -25.35 19.42 -21.50
N ALA D 66 -24.80 19.67 -20.32
CA ALA D 66 -25.50 19.48 -19.05
C ALA D 66 -24.89 20.42 -18.00
N ARG D 67 -25.74 21.19 -17.34
CA ARG D 67 -25.31 22.08 -16.26
C ARG D 67 -25.59 21.38 -14.94
N TYR D 68 -24.56 21.13 -14.14
CA TYR D 68 -24.75 20.34 -12.93
C TYR D 68 -23.97 20.87 -11.71
N LYS D 69 -24.34 20.33 -10.55
CA LYS D 69 -23.77 20.69 -9.27
C LYS D 69 -24.08 19.54 -8.32
N VAL D 70 -23.08 19.06 -7.59
CA VAL D 70 -23.34 18.03 -6.58
C VAL D 70 -23.06 18.50 -5.17
N GLU D 71 -24.13 18.64 -4.39
CA GLU D 71 -24.03 18.96 -2.97
C GLU D 71 -23.77 17.74 -2.10
N GLU D 72 -23.10 17.96 -0.98
CA GLU D 72 -22.81 16.93 -0.01
C GLU D 72 -23.09 17.52 1.37
N ASP D 73 -23.72 16.74 2.23
CA ASP D 73 -23.99 17.21 3.57
C ASP D 73 -23.81 16.10 4.57
N ASP D 74 -23.81 16.49 5.83
CA ASP D 74 -23.80 15.49 6.88
C ASP D 74 -25.13 14.76 6.80
N GLY D 75 -25.09 13.43 6.96
CA GLY D 75 -26.28 12.63 7.06
C GLY D 75 -26.37 11.86 8.38
N GLY D 76 -26.27 10.54 8.29
CA GLY D 76 -26.35 9.69 9.46
C GLY D 76 -25.56 8.43 9.19
N SER D 77 -25.84 7.38 9.94
CA SER D 77 -25.16 6.10 9.77
C SER D 77 -25.19 5.57 8.34
N ALA D 78 -26.13 6.06 7.54
CA ALA D 78 -26.26 5.56 6.17
C ALA D 78 -25.28 6.28 5.23
N GLY D 79 -24.66 7.34 5.74
CA GLY D 79 -23.69 8.11 4.98
C GLY D 79 -24.06 9.58 4.88
N SER D 80 -23.45 10.27 3.94
CA SER D 80 -23.73 11.69 3.76
C SER D 80 -24.90 11.83 2.78
N GLU D 81 -25.63 12.94 2.88
CA GLU D 81 -26.65 13.29 1.88
C GLU D 81 -26.01 13.84 0.58
N TYR D 82 -26.32 13.24 -0.56
CA TYR D 82 -25.87 13.80 -1.83
C TYR D 82 -27.03 14.27 -2.66
N ARG D 83 -27.00 15.54 -3.06
CA ARG D 83 -28.01 16.11 -3.94
C ARG D 83 -27.42 16.45 -5.30
N LEU D 84 -27.90 15.80 -6.36
CA LEU D 84 -27.59 16.21 -7.73
C LEU D 84 -28.55 17.28 -8.26
N TRP D 85 -28.02 18.22 -9.01
CA TRP D 85 -28.87 19.19 -9.66
C TRP D 85 -28.38 19.35 -11.08
N ALA D 86 -29.20 18.94 -12.05
CA ALA D 86 -28.76 18.86 -13.44
C ALA D 86 -29.77 19.36 -14.47
N ALA D 87 -29.30 20.16 -15.43
CA ALA D 87 -30.18 20.73 -16.45
C ALA D 87 -29.55 20.67 -17.84
N LYS D 88 -30.30 20.15 -18.82
CA LYS D 88 -29.89 20.21 -20.22
C LYS D 88 -30.82 21.10 -21.04
N PRO D 89 -30.26 21.73 -22.08
CA PRO D 89 -31.15 22.51 -22.94
C PRO D 89 -32.05 21.61 -23.80
N ALA D 90 -33.29 22.03 -23.90
CA ALA D 90 -34.29 21.44 -24.78
C ALA D 90 -34.73 22.55 -25.72
N GLY D 91 -33.81 22.99 -26.58
CA GLY D 91 -34.01 24.16 -27.43
C GLY D 91 -33.96 25.49 -26.66
N ALA D 92 -35.06 26.22 -26.70
CA ALA D 92 -35.15 27.50 -26.00
C ALA D 92 -35.52 27.33 -24.52
N ARG D 93 -36.06 26.15 -24.18
CA ARG D 93 -36.40 25.81 -22.80
C ARG D 93 -35.34 24.88 -22.19
N TRP D 94 -35.62 24.39 -20.98
CA TRP D 94 -34.70 23.52 -20.26
C TRP D 94 -35.40 22.35 -19.60
N ILE D 95 -34.76 21.18 -19.64
CA ILE D 95 -35.21 20.05 -18.84
C ILE D 95 -34.30 19.95 -17.60
N VAL D 96 -34.91 19.89 -16.42
CA VAL D 96 -34.17 19.72 -15.17
C VAL D 96 -34.44 18.36 -14.51
N VAL D 97 -33.38 17.76 -13.98
CA VAL D 97 -33.47 16.55 -13.16
C VAL D 97 -32.90 16.91 -11.79
N SER D 98 -33.51 16.38 -10.74
CA SER D 98 -32.96 16.52 -9.41
C SER D 98 -32.76 15.10 -8.89
N ALA D 99 -31.91 14.91 -7.89
CA ALA D 99 -31.74 13.57 -7.35
C ALA D 99 -31.06 13.57 -6.00
N SER D 100 -31.38 12.57 -5.18
CA SER D 100 -30.70 12.43 -3.91
C SER D 100 -30.53 10.97 -3.55
N GLU D 101 -29.68 10.75 -2.55
CA GLU D 101 -29.45 9.45 -1.96
C GLU D 101 -28.24 9.57 -1.05
N GLN D 102 -28.21 8.75 0.00
CA GLN D 102 -27.10 8.78 0.92
C GLN D 102 -26.02 7.83 0.43
N SER D 103 -24.79 8.14 0.82
CA SER D 103 -23.69 7.25 0.52
C SER D 103 -22.73 7.30 1.68
N GLU D 104 -22.16 6.14 1.94
CA GLU D 104 -21.15 6.02 2.95
C GLU D 104 -19.80 6.09 2.22
N ASP D 105 -19.83 5.77 0.92
CA ASP D 105 -18.63 5.51 0.12
C ASP D 105 -18.35 6.61 -0.90
N GLY D 106 -18.44 7.86 -0.45
CA GLY D 106 -18.25 9.00 -1.32
C GLY D 106 -19.40 9.22 -2.28
N GLU D 107 -19.29 10.29 -3.05
CA GLU D 107 -20.21 10.62 -4.13
C GLU D 107 -20.68 9.40 -4.91
N PRO D 108 -21.99 9.22 -4.99
CA PRO D 108 -22.66 8.17 -5.78
C PRO D 108 -22.57 8.48 -7.29
N THR D 109 -22.72 7.45 -8.13
CA THR D 109 -22.63 7.64 -9.57
C THR D 109 -23.77 8.55 -10.06
N PHE D 110 -24.97 8.36 -9.51
CA PHE D 110 -26.18 9.01 -10.02
C PHE D 110 -26.47 8.53 -11.42
N ALA D 111 -26.06 7.29 -11.71
CA ALA D 111 -26.24 6.72 -13.04
C ALA D 111 -27.65 6.90 -13.53
N LEU D 112 -28.61 6.61 -12.65
CA LEU D 112 -30.03 6.69 -13.00
C LEU D 112 -30.48 8.10 -13.31
N ALA D 113 -30.28 9.04 -12.39
CA ALA D 113 -30.63 10.44 -12.65
C ALA D 113 -30.12 10.94 -14.02
N TRP D 114 -28.88 10.58 -14.38
CA TRP D 114 -28.28 11.00 -15.65
C TRP D 114 -28.93 10.35 -16.88
N ALA D 115 -29.27 9.07 -16.77
CA ALA D 115 -30.00 8.36 -17.84
C ALA D 115 -31.42 8.92 -18.01
N LEU D 116 -31.90 9.63 -16.99
CA LEU D 116 -33.21 10.25 -17.02
C LEU D 116 -33.13 11.63 -17.65
N LEU D 117 -32.07 12.37 -17.40
CA LEU D 117 -31.85 13.64 -18.10
C LEU D 117 -31.53 13.40 -19.58
N GLU D 118 -30.62 12.47 -19.84
CA GLU D 118 -30.16 12.13 -21.18
C GLU D 118 -31.29 11.70 -22.14
N ARG D 119 -32.26 10.93 -21.63
CA ARG D 119 -33.36 10.38 -22.43
C ARG D 119 -34.60 11.25 -22.44
N ALA D 120 -34.61 12.33 -21.68
CA ALA D 120 -35.77 13.21 -21.67
C ALA D 120 -35.86 14.03 -22.96
N ARG D 121 -37.06 14.48 -23.31
CA ARG D 121 -37.30 15.20 -24.54
C ARG D 121 -38.47 16.14 -24.34
N LEU D 122 -38.60 17.12 -25.22
CA LEU D 122 -39.80 17.94 -25.28
C LEU D 122 -40.50 17.80 -26.64
N GLN D 123 -41.71 18.33 -26.72
CA GLN D 123 -42.58 18.28 -27.91
C GLN D 123 -44.03 18.03 -27.49
CA CA E . 25.35 28.85 15.54
CA CA F . 19.95 -18.68 -23.64
CA CA G . 13.64 -4.55 -15.89
CA CA H . 13.78 -3.38 -19.90
CA CA I . 15.04 -13.43 33.70
CA CA J . -33.29 13.09 7.39
CA CA K . -21.10 1.17 7.41
CA CA L . -24.33 -0.92 7.85
#